data_1KAQ
#
_entry.id   1KAQ
#
_cell.length_a   78.310
_cell.length_b   108.784
_cell.length_c   177.562
_cell.angle_alpha   90.00
_cell.angle_beta   90.00
_cell.angle_gamma   90.00
#
_symmetry.space_group_name_H-M   'P 21 21 21'
#
loop_
_entity.id
_entity.type
_entity.pdbx_description
1 polymer 'NICOTINATE-NUCLEOTIDE ADENYLYLTRANSFERASE'
2 non-polymer 'NICOTINIC ACID ADENINE DINUCLEOTIDE'
#
_entity_poly.entity_id   1
_entity_poly.type   'polypeptide(L)'
_entity_poly.pdbx_seq_one_letter_code
;HMPGGSKKIGIFGGTFDPPHNGHLLMANEVLYQAGLDEIWFMPNQIPPHKQNEDYTDSFHRVEMLKLAIQSNPSFKLELV
EMEREGPSYTFDTVSLLKQRYPNDQLFFIIGADMIEYLPKWYKLDELLNLIQFIGVKRPGFHVETPYPLLFADVPEFEVS
STMIRERFKSKKPTDYLIPDKVKKYVEENGLYES
;
_entity_poly.pdbx_strand_id   A,B,C,D,E,F
#
# COMPACT_ATOMS: atom_id res chain seq x y z
N LYS A 7 14.58 -8.54 -8.29
CA LYS A 7 14.20 -7.17 -8.75
C LYS A 7 13.30 -7.19 -10.01
N LYS A 8 11.98 -7.08 -9.83
CA LYS A 8 11.02 -7.10 -10.95
C LYS A 8 11.11 -5.88 -11.86
N ILE A 9 11.69 -6.06 -13.04
CA ILE A 9 11.84 -4.95 -13.96
C ILE A 9 11.03 -5.01 -15.24
N GLY A 10 10.58 -3.85 -15.69
CA GLY A 10 9.81 -3.80 -16.92
C GLY A 10 10.55 -3.07 -18.03
N ILE A 11 11.05 -3.83 -19.00
CA ILE A 11 11.75 -3.20 -20.11
C ILE A 11 10.72 -2.50 -20.99
N PHE A 12 10.92 -1.21 -21.18
CA PHE A 12 10.00 -0.43 -21.98
C PHE A 12 10.72 0.15 -23.19
N GLY A 13 11.07 -0.72 -24.12
CA GLY A 13 11.75 -0.27 -25.33
C GLY A 13 10.87 0.65 -26.20
N GLY A 14 11.52 1.53 -26.97
CA GLY A 14 10.81 2.46 -27.84
C GLY A 14 11.82 3.38 -28.50
N THR A 15 11.46 4.05 -29.60
CA THR A 15 12.43 4.93 -30.23
C THR A 15 12.27 6.33 -29.64
N PHE A 16 11.15 6.54 -28.96
CA PHE A 16 10.87 7.84 -28.33
C PHE A 16 11.27 9.04 -29.18
N ASP A 17 10.71 9.18 -30.37
CA ASP A 17 11.10 10.28 -31.22
C ASP A 17 9.91 11.17 -31.58
N PRO A 18 9.50 12.03 -30.64
CA PRO A 18 10.08 12.26 -29.31
C PRO A 18 9.32 11.46 -28.25
N PRO A 19 9.70 11.62 -26.97
CA PRO A 19 9.00 10.89 -25.91
C PRO A 19 7.89 11.82 -25.48
N HIS A 20 6.74 11.27 -25.10
CA HIS A 20 5.64 12.13 -24.67
C HIS A 20 4.94 11.59 -23.45
N ASN A 21 3.94 12.31 -22.98
CA ASN A 21 3.21 11.87 -21.81
C ASN A 21 2.69 10.47 -21.93
N GLY A 22 1.98 10.20 -23.02
CA GLY A 22 1.46 8.86 -23.22
C GLY A 22 2.42 7.77 -22.74
N HIS A 23 3.71 7.93 -23.02
CA HIS A 23 4.70 6.96 -22.58
C HIS A 23 4.72 6.99 -21.06
N LEU A 24 4.99 8.18 -20.51
CA LEU A 24 5.06 8.36 -19.06
C LEU A 24 3.90 7.76 -18.29
N LEU A 25 2.68 7.95 -18.80
CA LEU A 25 1.49 7.42 -18.13
C LEU A 25 1.44 5.91 -18.20
N MET A 26 1.70 5.33 -19.37
CA MET A 26 1.64 3.87 -19.49
C MET A 26 2.71 3.20 -18.63
N ALA A 27 3.92 3.71 -18.69
CA ALA A 27 5.00 3.14 -17.90
C ALA A 27 4.64 3.21 -16.41
N ASN A 28 4.20 4.39 -15.98
CA ASN A 28 3.88 4.64 -14.59
C ASN A 28 2.71 3.82 -14.10
N GLU A 29 1.78 3.52 -15.01
CA GLU A 29 0.60 2.71 -14.66
C GLU A 29 0.98 1.24 -14.72
N VAL A 30 1.69 0.84 -15.76
CA VAL A 30 2.10 -0.55 -15.83
C VAL A 30 2.91 -0.79 -14.57
N LEU A 31 3.77 0.18 -14.25
CA LEU A 31 4.63 0.07 -13.08
C LEU A 31 3.86 -0.46 -11.89
N TYR A 32 2.71 0.16 -11.61
CA TYR A 32 1.83 -0.23 -10.50
C TYR A 32 1.12 -1.56 -10.73
N GLN A 33 0.38 -1.60 -11.83
CA GLN A 33 -0.40 -2.75 -12.23
C GLN A 33 0.33 -4.09 -12.34
N ALA A 34 1.51 -4.11 -12.94
CA ALA A 34 2.28 -5.36 -13.08
C ALA A 34 3.11 -5.60 -11.81
N GLY A 35 2.96 -4.70 -10.83
CA GLY A 35 3.69 -4.82 -9.58
C GLY A 35 5.20 -4.80 -9.74
N LEU A 36 5.70 -3.91 -10.58
CA LEU A 36 7.13 -3.82 -10.82
C LEU A 36 7.86 -2.91 -9.87
N ASP A 37 9.19 -3.02 -9.84
CA ASP A 37 10.04 -2.20 -9.01
C ASP A 37 10.47 -0.94 -9.76
N GLU A 38 10.90 -1.11 -11.00
CA GLU A 38 11.30 0.02 -11.81
C GLU A 38 11.09 -0.26 -13.29
N ILE A 39 10.76 0.80 -14.02
CA ILE A 39 10.55 0.70 -15.44
C ILE A 39 11.86 1.13 -16.08
N TRP A 40 12.25 0.48 -17.16
CA TRP A 40 13.49 0.84 -17.86
C TRP A 40 13.19 1.38 -19.25
N PHE A 41 13.43 2.66 -19.46
CA PHE A 41 13.19 3.21 -20.76
C PHE A 41 14.40 2.91 -21.62
N MET A 42 14.25 1.93 -22.51
CA MET A 42 15.30 1.49 -23.43
C MET A 42 15.10 2.08 -24.86
N PRO A 43 15.96 3.02 -25.28
CA PRO A 43 15.93 3.68 -26.61
C PRO A 43 16.74 2.95 -27.70
N ASN A 44 16.14 2.81 -28.88
CA ASN A 44 16.81 2.14 -29.99
C ASN A 44 17.98 2.91 -30.53
N GLN A 45 18.98 2.20 -31.02
CA GLN A 45 20.10 2.90 -31.62
C GLN A 45 19.56 3.32 -32.95
N ILE A 46 18.98 2.33 -33.62
CA ILE A 46 18.33 2.51 -34.90
C ILE A 46 17.11 1.56 -34.81
N PRO A 47 15.89 2.13 -34.91
CA PRO A 47 14.65 1.36 -34.85
C PRO A 47 14.63 0.24 -35.89
N PRO A 48 14.44 -1.01 -35.43
CA PRO A 48 14.40 -2.17 -36.31
C PRO A 48 13.31 -2.14 -37.36
N HIS A 49 12.08 -1.90 -36.93
CA HIS A 49 10.97 -1.88 -37.85
C HIS A 49 10.87 -0.63 -38.70
N LYS A 50 11.79 0.31 -38.55
CA LYS A 50 11.80 1.53 -39.37
C LYS A 50 13.16 2.08 -39.78
N GLN A 51 13.82 1.46 -40.75
CA GLN A 51 15.13 1.94 -41.18
C GLN A 51 14.88 2.33 -42.62
N ASN A 52 14.21 3.46 -42.78
CA ASN A 52 13.82 3.90 -44.09
C ASN A 52 12.86 5.01 -43.83
N GLU A 53 12.59 5.15 -42.55
CA GLU A 53 11.75 6.23 -42.05
C GLU A 53 12.97 7.05 -41.63
N ASP A 54 12.86 8.35 -41.54
CA ASP A 54 13.96 9.26 -41.21
C ASP A 54 13.94 9.57 -39.70
N TYR A 55 14.21 8.60 -38.83
CA TYR A 55 14.13 8.65 -37.35
C TYR A 55 15.07 9.46 -36.43
N THR A 56 15.10 10.78 -36.41
CA THR A 56 16.07 11.50 -35.54
C THR A 56 17.28 10.78 -34.93
N ASP A 57 18.41 11.49 -35.09
CA ASP A 57 19.77 11.14 -34.72
C ASP A 57 20.17 10.38 -33.49
N SER A 58 19.21 10.02 -32.64
CA SER A 58 19.50 9.24 -31.43
C SER A 58 19.95 10.07 -30.26
N PHE A 59 20.98 10.87 -30.46
CA PHE A 59 21.47 11.73 -29.40
C PHE A 59 20.32 12.60 -28.87
N HIS A 60 19.51 13.14 -29.76
CA HIS A 60 18.42 13.98 -29.29
C HIS A 60 17.30 13.17 -28.65
N ARG A 61 17.16 11.92 -29.08
CA ARG A 61 16.14 11.03 -28.52
C ARG A 61 16.55 10.68 -27.09
N VAL A 62 17.79 10.29 -26.90
CA VAL A 62 18.22 9.99 -25.54
C VAL A 62 18.15 11.28 -24.70
N GLU A 63 18.37 12.43 -25.30
CA GLU A 63 18.29 13.66 -24.50
C GLU A 63 16.85 13.92 -24.10
N MET A 64 15.96 13.94 -25.10
CA MET A 64 14.57 14.19 -24.82
C MET A 64 14.08 13.16 -23.81
N LEU A 65 14.59 11.94 -23.94
CA LEU A 65 14.18 10.88 -23.05
C LEU A 65 14.59 11.18 -21.63
N LYS A 66 15.83 11.64 -21.45
CA LYS A 66 16.32 11.94 -20.11
C LYS A 66 15.52 13.04 -19.45
N LEU A 67 15.04 13.97 -20.25
CA LEU A 67 14.26 15.03 -19.69
C LEU A 67 12.88 14.55 -19.28
N ALA A 68 12.28 13.70 -20.11
CA ALA A 68 10.94 13.23 -19.80
C ALA A 68 10.86 12.28 -18.62
N ILE A 69 11.98 11.71 -18.20
CA ILE A 69 11.86 10.80 -17.08
C ILE A 69 12.59 11.16 -15.82
N GLN A 70 13.24 12.31 -15.80
CA GLN A 70 13.98 12.68 -14.60
C GLN A 70 13.12 12.71 -13.35
N SER A 71 12.00 13.41 -13.40
CA SER A 71 11.16 13.54 -12.24
C SER A 71 10.59 12.29 -11.61
N ASN A 72 10.80 11.13 -12.24
CA ASN A 72 10.26 9.90 -11.65
C ASN A 72 11.35 8.94 -11.20
N PRO A 73 11.52 8.79 -9.88
CA PRO A 73 12.52 7.92 -9.24
C PRO A 73 12.51 6.53 -9.80
N SER A 74 11.31 6.03 -10.11
CA SER A 74 11.15 4.69 -10.61
C SER A 74 11.37 4.48 -12.10
N PHE A 75 11.69 5.55 -12.81
CA PHE A 75 11.97 5.40 -14.22
C PHE A 75 13.48 5.49 -14.38
N LYS A 76 14.03 4.57 -15.18
CA LYS A 76 15.46 4.54 -15.42
C LYS A 76 15.81 4.34 -16.87
N LEU A 77 16.82 5.09 -17.32
CA LEU A 77 17.31 5.02 -18.68
C LEU A 77 18.04 3.70 -18.81
N GLU A 78 18.14 3.22 -20.05
CA GLU A 78 18.87 1.99 -20.34
C GLU A 78 19.36 2.15 -21.78
N LEU A 79 20.66 2.29 -21.91
CA LEU A 79 21.25 2.49 -23.22
C LEU A 79 21.90 1.24 -23.77
N VAL A 80 21.57 0.10 -23.18
CA VAL A 80 22.14 -1.15 -23.63
C VAL A 80 22.07 -1.39 -25.14
N GLU A 81 21.04 -0.87 -25.79
CA GLU A 81 20.96 -1.05 -27.23
C GLU A 81 21.87 -0.05 -27.93
N MET A 82 22.14 1.05 -27.24
CA MET A 82 23.01 2.08 -27.77
C MET A 82 24.40 1.55 -27.60
N GLU A 83 24.50 0.35 -27.07
CA GLU A 83 25.79 -0.24 -26.81
C GLU A 83 26.49 -0.71 -28.06
N ARG A 84 26.17 -0.06 -29.18
CA ARG A 84 26.81 -0.32 -30.47
C ARG A 84 26.05 -0.85 -31.69
N GLU A 85 26.39 -0.21 -32.80
CA GLU A 85 25.92 -0.40 -34.18
C GLU A 85 25.02 -1.56 -34.61
N GLY A 86 24.21 -1.27 -35.63
CA GLY A 86 23.32 -2.27 -36.19
C GLY A 86 21.89 -2.08 -35.73
N PRO A 87 20.89 -2.51 -36.52
CA PRO A 87 19.47 -2.40 -36.17
C PRO A 87 19.16 -3.08 -34.84
N SER A 88 18.55 -2.34 -33.92
CA SER A 88 18.24 -2.84 -32.59
C SER A 88 17.09 -3.85 -32.47
N TYR A 89 17.40 -5.13 -32.72
CA TYR A 89 16.40 -6.18 -32.65
C TYR A 89 16.23 -6.70 -31.24
N THR A 90 15.03 -6.53 -30.70
CA THR A 90 14.75 -6.94 -29.35
C THR A 90 15.22 -8.35 -29.01
N PHE A 91 15.07 -9.30 -29.92
CA PHE A 91 15.53 -10.64 -29.57
C PHE A 91 16.98 -10.63 -29.18
N ASP A 92 17.78 -9.90 -29.95
CA ASP A 92 19.21 -9.77 -29.69
C ASP A 92 19.44 -9.08 -28.37
N THR A 93 18.76 -7.94 -28.16
CA THR A 93 18.91 -7.20 -26.92
C THR A 93 18.47 -8.00 -25.70
N VAL A 94 17.20 -8.40 -25.65
CA VAL A 94 16.73 -9.18 -24.51
C VAL A 94 17.70 -10.34 -24.22
N SER A 95 18.18 -11.01 -25.25
CA SER A 95 19.12 -12.10 -25.04
C SER A 95 20.20 -11.57 -24.11
N LEU A 96 20.90 -10.55 -24.60
CA LEU A 96 21.99 -9.93 -23.87
C LEU A 96 21.56 -9.55 -22.45
N LEU A 97 20.47 -8.79 -22.34
CA LEU A 97 19.99 -8.36 -21.04
C LEU A 97 19.84 -9.52 -20.05
N LYS A 98 19.16 -10.60 -20.44
CA LYS A 98 18.99 -11.75 -19.54
C LYS A 98 20.31 -12.31 -19.02
N GLN A 99 21.40 -11.84 -19.62
CA GLN A 99 22.72 -12.26 -19.24
C GLN A 99 23.29 -11.30 -18.18
N ARG A 100 23.28 -10.00 -18.46
CA ARG A 100 23.77 -9.06 -17.48
C ARG A 100 22.97 -9.15 -16.18
N TYR A 101 21.68 -9.39 -16.29
CA TYR A 101 20.87 -9.45 -15.09
C TYR A 101 20.12 -10.75 -14.97
N PRO A 102 20.81 -11.82 -14.56
CA PRO A 102 20.21 -13.15 -14.40
C PRO A 102 19.39 -13.35 -13.14
N ASN A 103 19.48 -12.44 -12.19
CA ASN A 103 18.72 -12.59 -10.96
C ASN A 103 17.53 -11.67 -10.85
N ASP A 104 17.36 -10.85 -11.87
CA ASP A 104 16.24 -9.93 -11.91
C ASP A 104 15.11 -10.48 -12.78
N GLN A 105 13.89 -10.09 -12.43
CA GLN A 105 12.73 -10.54 -13.16
C GLN A 105 12.42 -9.53 -14.25
N LEU A 106 12.48 -9.96 -15.49
CA LEU A 106 12.25 -9.04 -16.58
C LEU A 106 10.97 -9.21 -17.39
N PHE A 107 10.32 -8.08 -17.67
CA PHE A 107 9.11 -8.05 -18.46
C PHE A 107 9.30 -6.98 -19.51
N PHE A 108 8.78 -7.25 -20.70
CA PHE A 108 8.85 -6.29 -21.79
C PHE A 108 7.47 -5.65 -21.94
N ILE A 109 7.42 -4.39 -22.28
CA ILE A 109 6.15 -3.73 -22.39
C ILE A 109 5.86 -3.08 -23.73
N ILE A 110 4.65 -3.32 -24.24
CA ILE A 110 4.25 -2.75 -25.52
C ILE A 110 2.82 -2.29 -25.44
N GLY A 111 2.44 -1.38 -26.33
CA GLY A 111 1.07 -0.90 -26.34
C GLY A 111 0.29 -1.55 -27.44
N ALA A 112 -1.04 -1.39 -27.42
CA ALA A 112 -1.92 -1.96 -28.45
C ALA A 112 -1.14 -2.01 -29.76
N ASP A 113 -0.77 -0.82 -30.20
CA ASP A 113 -0.01 -0.57 -31.40
C ASP A 113 0.86 -1.75 -31.80
N MET A 114 1.96 -1.92 -31.07
CA MET A 114 2.91 -3.00 -31.36
C MET A 114 2.28 -4.38 -31.25
N ILE A 115 1.31 -4.52 -30.37
CA ILE A 115 0.66 -5.82 -30.21
C ILE A 115 0.20 -6.33 -31.58
N GLU A 116 -0.31 -5.40 -32.40
CA GLU A 116 -0.79 -5.70 -33.73
C GLU A 116 0.38 -6.12 -34.61
N TYR A 117 1.56 -5.64 -34.26
CA TYR A 117 2.78 -5.88 -35.03
C TYR A 117 3.59 -7.12 -34.64
N LEU A 118 3.18 -7.80 -33.58
CA LEU A 118 3.94 -8.96 -33.15
C LEU A 118 4.36 -9.85 -34.31
N PRO A 119 3.46 -10.15 -35.23
CA PRO A 119 3.84 -11.00 -36.36
C PRO A 119 5.06 -10.46 -37.14
N LYS A 120 5.01 -9.22 -37.64
CA LYS A 120 6.15 -8.67 -38.36
C LYS A 120 6.98 -8.26 -37.17
N TRP A 121 8.04 -8.99 -36.85
CA TRP A 121 8.82 -8.64 -35.65
C TRP A 121 9.88 -9.72 -35.62
N TYR A 122 11.15 -9.33 -35.74
CA TYR A 122 12.24 -10.29 -35.82
C TYR A 122 12.40 -11.31 -34.69
N LYS A 123 12.18 -12.59 -35.04
CA LYS A 123 12.31 -13.72 -34.11
C LYS A 123 11.39 -13.78 -32.90
N LEU A 124 10.17 -13.29 -33.06
CA LEU A 124 9.21 -13.28 -31.96
C LEU A 124 9.04 -14.62 -31.27
N ASP A 125 9.12 -15.70 -32.01
CA ASP A 125 8.93 -16.99 -31.37
C ASP A 125 10.04 -17.36 -30.42
N GLU A 126 11.23 -16.86 -30.67
CA GLU A 126 12.35 -17.18 -29.78
C GLU A 126 12.31 -16.20 -28.62
N LEU A 127 11.99 -14.95 -28.95
CA LEU A 127 11.92 -13.87 -27.97
C LEU A 127 10.92 -14.14 -26.86
N LEU A 128 9.71 -14.55 -27.24
CA LEU A 128 8.61 -14.86 -26.32
C LEU A 128 9.00 -15.94 -25.33
N ASN A 129 10.02 -16.70 -25.69
CA ASN A 129 10.50 -17.76 -24.85
C ASN A 129 11.45 -17.14 -23.82
N LEU A 130 12.11 -16.06 -24.21
CA LEU A 130 13.03 -15.42 -23.31
C LEU A 130 12.34 -14.56 -22.29
N ILE A 131 11.43 -13.72 -22.73
CA ILE A 131 10.76 -12.79 -21.82
C ILE A 131 9.24 -12.79 -21.96
N GLN A 132 8.56 -12.32 -20.92
CA GLN A 132 7.10 -12.24 -20.94
C GLN A 132 6.69 -10.84 -21.36
N PHE A 133 5.63 -10.76 -22.15
CA PHE A 133 5.13 -9.47 -22.63
C PHE A 133 3.92 -8.94 -21.87
N ILE A 134 3.88 -7.62 -21.71
CA ILE A 134 2.78 -6.97 -21.02
C ILE A 134 2.16 -5.99 -22.00
N GLY A 135 0.85 -6.10 -22.20
CA GLY A 135 0.18 -5.22 -23.15
C GLY A 135 -0.60 -4.19 -22.38
N VAL A 136 -0.83 -3.04 -23.00
CA VAL A 136 -1.56 -1.99 -22.32
C VAL A 136 -2.91 -1.73 -22.95
N LYS A 137 -2.88 -1.15 -24.14
CA LYS A 137 -4.07 -0.78 -24.92
C LYS A 137 -4.08 0.70 -25.23
N ARG A 138 -3.78 0.97 -26.49
CA ARG A 138 -3.70 2.32 -27.00
C ARG A 138 -4.95 2.58 -27.83
N PRO A 139 -5.51 3.80 -27.72
CA PRO A 139 -6.71 4.18 -28.47
C PRO A 139 -6.32 4.23 -29.94
N GLY A 140 -7.17 3.68 -30.80
CA GLY A 140 -6.86 3.70 -32.22
C GLY A 140 -6.39 2.35 -32.68
N PHE A 141 -5.78 1.60 -31.77
CA PHE A 141 -5.32 0.27 -32.08
C PHE A 141 -6.08 -0.63 -31.16
N HIS A 142 -5.85 -1.92 -31.30
CA HIS A 142 -6.51 -2.82 -30.41
C HIS A 142 -5.81 -4.15 -30.38
N VAL A 143 -5.77 -4.68 -29.17
CA VAL A 143 -5.15 -5.94 -28.86
C VAL A 143 -6.07 -7.11 -29.21
N GLU A 144 -5.48 -8.29 -29.42
CA GLU A 144 -6.27 -9.45 -29.80
C GLU A 144 -5.33 -10.64 -29.99
N THR A 145 -4.07 -10.33 -30.25
CA THR A 145 -3.03 -11.33 -30.48
C THR A 145 -3.26 -12.78 -30.07
N PRO A 146 -2.67 -13.69 -30.85
CA PRO A 146 -2.79 -15.12 -30.58
C PRO A 146 -1.50 -15.53 -29.84
N TYR A 147 -0.78 -14.55 -29.32
CA TYR A 147 0.49 -14.80 -28.64
C TYR A 147 0.46 -14.64 -27.13
N PRO A 148 1.26 -15.43 -26.41
CA PRO A 148 1.28 -15.30 -24.95
C PRO A 148 1.60 -13.85 -24.51
N LEU A 149 0.59 -13.19 -23.93
CA LEU A 149 0.72 -11.80 -23.51
C LEU A 149 -0.20 -11.46 -22.33
N LEU A 150 0.37 -10.84 -21.30
CA LEU A 150 -0.40 -10.46 -20.10
C LEU A 150 -0.87 -9.03 -20.22
N PHE A 151 -2.01 -8.70 -19.62
CA PHE A 151 -2.53 -7.36 -19.77
C PHE A 151 -2.52 -6.55 -18.52
N ALA A 152 -2.52 -5.24 -18.69
CA ALA A 152 -2.52 -4.34 -17.57
C ALA A 152 -3.46 -3.22 -17.92
N ASP A 153 -4.50 -3.04 -17.11
CA ASP A 153 -5.43 -1.95 -17.37
C ASP A 153 -4.71 -0.64 -17.23
N VAL A 154 -4.84 0.16 -18.26
CA VAL A 154 -4.19 1.45 -18.30
C VAL A 154 -5.03 2.44 -19.09
N PRO A 155 -5.46 3.50 -18.42
CA PRO A 155 -6.27 4.50 -19.08
C PRO A 155 -5.76 4.76 -20.50
N GLU A 156 -6.67 4.82 -21.45
CA GLU A 156 -6.33 5.07 -22.84
C GLU A 156 -5.97 6.54 -23.01
N PHE A 157 -4.86 6.82 -23.67
CA PHE A 157 -4.49 8.21 -23.90
C PHE A 157 -4.08 8.29 -25.35
N GLU A 158 -4.86 9.02 -26.13
CA GLU A 158 -4.61 9.15 -27.55
C GLU A 158 -3.55 10.15 -27.92
N VAL A 159 -2.31 9.71 -27.92
CA VAL A 159 -1.20 10.57 -28.28
C VAL A 159 -0.06 9.68 -28.73
N SER A 160 0.52 10.03 -29.87
CA SER A 160 1.65 9.29 -30.42
C SER A 160 2.67 10.35 -30.84
N SER A 161 3.93 9.96 -30.96
CA SER A 161 4.96 10.91 -31.35
C SER A 161 4.58 11.56 -32.69
N THR A 162 4.29 10.74 -33.69
CA THR A 162 3.94 11.27 -35.00
C THR A 162 2.93 12.42 -34.95
N MET A 163 2.13 12.48 -33.88
CA MET A 163 1.14 13.55 -33.70
C MET A 163 1.92 14.83 -33.50
N ILE A 164 2.68 14.82 -32.41
CA ILE A 164 3.54 15.91 -32.00
C ILE A 164 4.38 16.39 -33.20
N ARG A 165 5.17 15.51 -33.80
CA ARG A 165 5.97 15.93 -34.94
C ARG A 165 5.15 16.79 -35.90
N GLU A 166 3.98 16.32 -36.30
CA GLU A 166 3.16 17.11 -37.20
C GLU A 166 2.64 18.34 -36.48
N ARG A 167 2.32 18.17 -35.21
CA ARG A 167 1.86 19.28 -34.40
C ARG A 167 2.98 20.33 -34.44
N PHE A 168 4.20 19.87 -34.14
CA PHE A 168 5.42 20.68 -34.09
C PHE A 168 5.86 21.11 -35.46
N LYS A 169 4.95 21.14 -36.41
CA LYS A 169 5.30 21.52 -37.77
C LYS A 169 3.97 21.73 -38.43
N SER A 170 3.42 22.92 -38.20
CA SER A 170 2.11 23.31 -38.68
C SER A 170 1.69 24.06 -37.43
N LYS A 171 2.69 24.19 -36.56
CA LYS A 171 2.59 24.86 -35.27
C LYS A 171 1.23 24.76 -34.60
N LYS A 172 0.98 23.57 -34.07
CA LYS A 172 -0.23 23.25 -33.35
C LYS A 172 0.23 23.08 -31.91
N PRO A 173 -0.69 23.23 -30.97
CA PRO A 173 -0.55 23.13 -29.52
C PRO A 173 0.60 22.35 -28.89
N THR A 174 0.57 21.03 -29.00
CA THR A 174 1.60 20.16 -28.37
C THR A 174 1.70 20.30 -26.84
N ASP A 175 0.93 21.21 -26.27
CA ASP A 175 0.96 21.39 -24.83
C ASP A 175 0.13 20.31 -24.18
N TYR A 176 0.58 19.88 -23.02
CA TYR A 176 -0.08 18.84 -22.25
C TYR A 176 -0.04 17.50 -22.96
N LEU A 177 0.87 17.37 -23.93
CA LEU A 177 1.01 16.13 -24.67
C LEU A 177 2.43 15.65 -24.46
N ILE A 178 3.36 16.59 -24.29
CA ILE A 178 4.76 16.25 -24.02
C ILE A 178 5.19 17.18 -22.90
N PRO A 179 6.13 16.73 -22.06
CA PRO A 179 6.60 17.55 -20.95
C PRO A 179 6.99 18.91 -21.48
N ASP A 180 6.87 19.92 -20.64
CA ASP A 180 7.19 21.27 -21.06
C ASP A 180 8.71 21.38 -21.25
N LYS A 181 9.43 20.35 -20.79
CA LYS A 181 10.88 20.34 -20.90
C LYS A 181 11.26 19.79 -22.25
N VAL A 182 10.50 18.81 -22.71
CA VAL A 182 10.75 18.17 -24.00
C VAL A 182 10.41 19.14 -25.13
N LYS A 183 9.42 20.00 -24.91
CA LYS A 183 9.01 20.95 -25.92
C LYS A 183 10.16 21.90 -26.13
N LYS A 184 10.64 22.50 -25.04
CA LYS A 184 11.74 23.43 -25.16
C LYS A 184 12.94 22.79 -25.89
N TYR A 185 13.38 21.61 -25.46
CA TYR A 185 14.52 20.99 -26.13
C TYR A 185 14.30 20.99 -27.63
N VAL A 186 13.14 20.57 -28.07
CA VAL A 186 12.87 20.54 -29.50
C VAL A 186 13.09 21.91 -30.12
N GLU A 187 12.31 22.90 -29.68
CA GLU A 187 12.44 24.25 -30.24
C GLU A 187 13.90 24.69 -30.19
N GLU A 188 14.52 24.49 -29.04
CA GLU A 188 15.91 24.87 -28.86
C GLU A 188 16.81 24.15 -29.84
N ASN A 189 16.88 22.84 -29.76
CA ASN A 189 17.73 22.09 -30.66
C ASN A 189 17.15 21.87 -32.07
N GLY A 190 16.31 22.82 -32.49
CA GLY A 190 15.71 22.81 -33.82
C GLY A 190 14.98 21.60 -34.40
N LEU A 191 14.69 20.60 -33.58
CA LEU A 191 13.99 19.42 -34.07
C LEU A 191 12.64 19.65 -34.77
N TYR A 192 12.16 18.58 -35.40
CA TYR A 192 10.88 18.52 -36.10
C TYR A 192 10.41 19.83 -36.77
N LYS B 7 12.92 -20.56 -14.25
CA LYS B 7 11.75 -21.51 -14.36
C LYS B 7 10.42 -20.86 -13.95
N LYS B 8 9.81 -20.09 -14.87
CA LYS B 8 8.55 -19.36 -14.63
C LYS B 8 7.38 -20.22 -14.14
N ILE B 9 7.00 -20.06 -12.88
CA ILE B 9 5.90 -20.85 -12.31
C ILE B 9 4.68 -20.07 -11.87
N GLY B 10 3.53 -20.73 -11.92
CA GLY B 10 2.28 -20.10 -11.55
C GLY B 10 1.56 -20.89 -10.48
N ILE B 11 1.70 -20.44 -9.24
CA ILE B 11 1.08 -21.07 -8.07
C ILE B 11 -0.41 -20.90 -8.19
N PHE B 12 -1.11 -22.00 -8.32
CA PHE B 12 -2.56 -21.95 -8.49
C PHE B 12 -3.28 -22.46 -7.26
N GLY B 13 -3.27 -21.69 -6.19
CA GLY B 13 -3.93 -22.12 -4.97
C GLY B 13 -5.45 -22.24 -4.98
N GLY B 14 -5.94 -23.27 -4.30
CA GLY B 14 -7.38 -23.51 -4.20
C GLY B 14 -7.71 -24.62 -3.22
N THR B 15 -8.95 -24.71 -2.75
CA THR B 15 -9.29 -25.80 -1.81
C THR B 15 -9.76 -27.01 -2.62
N PHE B 16 -9.99 -26.80 -3.92
CA PHE B 16 -10.44 -27.84 -4.85
C PHE B 16 -11.30 -28.86 -4.15
N ASP B 17 -12.54 -28.49 -3.88
CA ASP B 17 -13.45 -29.39 -3.17
C ASP B 17 -14.82 -29.43 -3.87
N PRO B 18 -14.90 -30.13 -5.00
CA PRO B 18 -13.80 -30.86 -5.65
C PRO B 18 -13.14 -30.07 -6.76
N PRO B 19 -12.15 -30.67 -7.45
CA PRO B 19 -11.49 -29.97 -8.54
C PRO B 19 -12.44 -30.16 -9.69
N HIS B 20 -12.45 -29.25 -10.66
CA HIS B 20 -13.32 -29.44 -11.80
C HIS B 20 -12.70 -28.84 -13.04
N ASN B 21 -13.33 -29.12 -14.17
CA ASN B 21 -12.83 -28.68 -15.45
C ASN B 21 -12.47 -27.20 -15.53
N GLY B 22 -13.29 -26.37 -14.91
CA GLY B 22 -13.00 -24.94 -14.90
C GLY B 22 -11.60 -24.64 -14.38
N HIS B 23 -11.15 -25.42 -13.40
CA HIS B 23 -9.84 -25.25 -12.84
C HIS B 23 -8.83 -25.61 -13.92
N LEU B 24 -9.03 -26.77 -14.52
CA LEU B 24 -8.17 -27.28 -15.56
C LEU B 24 -8.01 -26.34 -16.77
N LEU B 25 -9.13 -25.76 -17.19
CA LEU B 25 -9.13 -24.84 -18.32
C LEU B 25 -8.34 -23.59 -17.96
N MET B 26 -8.75 -22.91 -16.89
CA MET B 26 -8.06 -21.69 -16.49
C MET B 26 -6.57 -21.90 -16.37
N ALA B 27 -6.18 -22.96 -15.68
CA ALA B 27 -4.77 -23.26 -15.46
C ALA B 27 -4.02 -23.48 -16.77
N ASN B 28 -4.56 -24.38 -17.59
CA ASN B 28 -3.93 -24.72 -18.86
C ASN B 28 -3.91 -23.51 -19.82
N GLU B 29 -4.84 -22.58 -19.62
CA GLU B 29 -4.90 -21.37 -20.45
C GLU B 29 -3.94 -20.32 -19.88
N VAL B 30 -3.95 -20.14 -18.57
CA VAL B 30 -3.08 -19.17 -17.99
C VAL B 30 -1.68 -19.62 -18.36
N LEU B 31 -1.46 -20.92 -18.21
CA LEU B 31 -0.16 -21.50 -18.52
C LEU B 31 0.37 -20.95 -19.83
N TYR B 32 -0.47 -20.94 -20.87
CA TYR B 32 -0.08 -20.44 -22.18
C TYR B 32 0.09 -18.91 -22.18
N GLN B 33 -1.00 -18.23 -21.87
CA GLN B 33 -1.09 -16.79 -21.85
C GLN B 33 -0.02 -16.01 -21.07
N ALA B 34 0.31 -16.48 -19.86
CA ALA B 34 1.29 -15.81 -19.01
C ALA B 34 2.70 -16.29 -19.30
N GLY B 35 2.81 -17.18 -20.27
CA GLY B 35 4.10 -17.70 -20.66
C GLY B 35 4.85 -18.39 -19.55
N LEU B 36 4.14 -19.25 -18.81
CA LEU B 36 4.74 -19.98 -17.71
C LEU B 36 5.26 -21.32 -18.19
N ASP B 37 6.05 -21.97 -17.34
CA ASP B 37 6.64 -23.28 -17.61
C ASP B 37 5.78 -24.42 -17.05
N GLU B 38 5.27 -24.22 -15.85
CA GLU B 38 4.43 -25.23 -15.22
C GLU B 38 3.51 -24.56 -14.23
N ILE B 39 2.34 -25.15 -14.03
CA ILE B 39 1.38 -24.61 -13.08
C ILE B 39 1.44 -25.55 -11.89
N TRP B 40 1.34 -25.01 -10.69
CA TRP B 40 1.38 -25.84 -9.48
C TRP B 40 0.06 -25.68 -8.78
N PHE B 41 -0.71 -26.76 -8.71
CA PHE B 41 -1.99 -26.72 -8.00
C PHE B 41 -1.73 -26.93 -6.52
N MET B 42 -1.81 -25.85 -5.76
CA MET B 42 -1.57 -25.85 -4.30
C MET B 42 -2.85 -25.93 -3.45
N PRO B 43 -3.11 -27.10 -2.83
CA PRO B 43 -4.27 -27.40 -1.97
C PRO B 43 -4.13 -26.94 -0.54
N ASN B 44 -5.22 -26.34 -0.03
CA ASN B 44 -5.29 -25.83 1.34
C ASN B 44 -5.35 -26.95 2.36
N GLN B 45 -4.64 -26.80 3.47
CA GLN B 45 -4.73 -27.83 4.48
C GLN B 45 -6.08 -27.58 5.09
N ILE B 46 -6.35 -26.30 5.34
CA ILE B 46 -7.62 -25.83 5.90
C ILE B 46 -7.78 -24.43 5.29
N PRO B 47 -8.84 -24.22 4.49
CA PRO B 47 -9.18 -22.97 3.81
C PRO B 47 -9.29 -21.76 4.73
N PRO B 48 -8.35 -20.82 4.62
CA PRO B 48 -8.36 -19.63 5.46
C PRO B 48 -9.64 -18.87 5.58
N HIS B 49 -10.36 -18.61 4.50
CA HIS B 49 -11.54 -17.82 4.68
C HIS B 49 -12.69 -18.75 4.96
N LYS B 50 -12.56 -19.96 5.47
CA LYS B 50 -13.85 -20.57 5.68
C LYS B 50 -13.80 -21.79 6.35
N GLN B 51 -13.49 -21.41 7.56
CA GLN B 51 -13.10 -22.12 8.68
C GLN B 51 -14.32 -22.45 9.44
N ASN B 52 -15.31 -21.66 9.25
CA ASN B 52 -16.70 -21.75 9.90
C ASN B 52 -17.67 -22.32 8.88
N GLU B 53 -17.02 -22.78 7.85
CA GLU B 53 -17.69 -23.31 6.67
C GLU B 53 -18.20 -24.74 6.41
N ASP B 54 -17.33 -25.75 6.52
CA ASP B 54 -17.84 -27.13 6.21
C ASP B 54 -16.88 -27.68 5.23
N TYR B 55 -15.59 -27.61 5.31
CA TYR B 55 -14.84 -28.14 4.16
C TYR B 55 -14.51 -29.66 4.14
N THR B 56 -14.12 -30.28 3.01
CA THR B 56 -13.81 -31.73 3.09
C THR B 56 -12.40 -32.06 3.56
N ASP B 57 -12.35 -33.16 4.29
CA ASP B 57 -11.18 -33.73 4.93
C ASP B 57 -9.74 -33.64 4.43
N SER B 58 -9.47 -32.97 3.30
CA SER B 58 -8.09 -32.96 2.80
C SER B 58 -8.01 -34.43 2.48
N PHE B 59 -6.99 -34.95 1.77
CA PHE B 59 -7.02 -36.40 1.41
C PHE B 59 -8.42 -36.34 0.73
N HIS B 60 -8.65 -37.06 -0.35
CA HIS B 60 -9.90 -36.75 -1.06
C HIS B 60 -9.31 -35.36 -1.42
N ARG B 61 -10.02 -34.50 -2.14
CA ARG B 61 -9.37 -33.22 -2.42
C ARG B 61 -7.98 -33.48 -3.04
N VAL B 62 -6.99 -33.71 -2.18
CA VAL B 62 -5.66 -34.00 -2.70
C VAL B 62 -5.78 -35.20 -3.63
N GLU B 63 -6.63 -36.14 -3.27
CA GLU B 63 -6.78 -37.31 -4.11
C GLU B 63 -7.48 -36.86 -5.36
N MET B 64 -8.69 -36.33 -5.17
CA MET B 64 -9.45 -35.83 -6.31
C MET B 64 -8.53 -34.96 -7.18
N LEU B 65 -7.75 -34.13 -6.50
CA LEU B 65 -6.83 -33.25 -7.17
C LEU B 65 -5.85 -34.04 -8.02
N LYS B 66 -5.25 -35.06 -7.46
CA LYS B 66 -4.26 -35.83 -8.19
C LYS B 66 -4.83 -36.48 -9.44
N LEU B 67 -6.10 -36.83 -9.39
CA LEU B 67 -6.74 -37.47 -10.54
C LEU B 67 -6.91 -36.47 -11.67
N ALA B 68 -7.51 -35.33 -11.33
CA ALA B 68 -7.77 -34.30 -12.31
C ALA B 68 -6.56 -33.79 -13.07
N ILE B 69 -5.38 -33.84 -12.48
CA ILE B 69 -4.24 -33.27 -13.17
C ILE B 69 -3.20 -34.24 -13.68
N GLN B 70 -3.45 -35.54 -13.56
CA GLN B 70 -2.44 -36.50 -14.01
C GLN B 70 -2.06 -36.39 -15.48
N SER B 71 -3.04 -36.47 -16.37
CA SER B 71 -2.74 -36.40 -17.78
C SER B 71 -1.98 -35.16 -18.24
N ASN B 72 -1.93 -34.09 -17.44
CA ASN B 72 -1.20 -32.89 -17.86
C ASN B 72 0.20 -32.70 -17.28
N PRO B 73 1.22 -32.92 -18.11
CA PRO B 73 2.65 -32.80 -17.83
C PRO B 73 2.97 -31.46 -17.14
N SER B 74 2.50 -30.37 -17.73
CA SER B 74 2.77 -29.04 -17.16
C SER B 74 2.03 -28.78 -15.84
N PHE B 75 1.21 -29.73 -15.42
CA PHE B 75 0.52 -29.54 -14.16
C PHE B 75 1.28 -30.30 -13.10
N LYS B 76 1.39 -29.71 -11.91
CA LYS B 76 2.12 -30.33 -10.84
C LYS B 76 1.52 -30.03 -9.49
N LEU B 77 1.45 -31.06 -8.66
CA LEU B 77 0.92 -30.93 -7.32
C LEU B 77 1.92 -30.20 -6.42
N GLU B 78 1.42 -29.62 -5.34
CA GLU B 78 2.27 -28.89 -4.41
C GLU B 78 1.58 -29.01 -3.08
N LEU B 79 2.15 -29.81 -2.20
CA LEU B 79 1.53 -30.00 -0.89
C LEU B 79 2.24 -29.24 0.25
N VAL B 80 2.91 -28.14 -0.08
CA VAL B 80 3.64 -27.31 0.89
C VAL B 80 2.75 -26.74 1.98
N GLU B 81 1.48 -26.52 1.66
CA GLU B 81 0.58 -25.96 2.65
C GLU B 81 0.06 -27.07 3.53
N MET B 82 0.56 -28.27 3.29
CA MET B 82 0.14 -29.43 4.06
C MET B 82 1.15 -29.91 5.10
N GLU B 83 2.25 -29.20 5.22
CA GLU B 83 3.29 -29.55 6.17
C GLU B 83 3.17 -28.48 7.21
N ARG B 84 1.95 -28.04 7.53
CA ARG B 84 1.89 -26.92 8.45
C ARG B 84 0.77 -26.73 9.46
N GLU B 85 -0.25 -27.59 9.45
CA GLU B 85 -1.39 -27.45 10.39
C GLU B 85 -1.80 -26.01 10.74
N GLY B 86 -3.10 -25.76 10.76
CA GLY B 86 -3.59 -24.42 11.06
C GLY B 86 -3.88 -23.77 9.73
N PRO B 87 -4.72 -22.72 9.67
CA PRO B 87 -5.09 -22.01 8.45
C PRO B 87 -3.95 -21.56 7.55
N SER B 88 -4.07 -21.89 6.27
CA SER B 88 -3.06 -21.56 5.26
C SER B 88 -3.28 -20.18 4.63
N TYR B 89 -2.59 -19.18 5.18
CA TYR B 89 -2.73 -17.81 4.74
C TYR B 89 -2.04 -17.22 3.51
N THR B 90 -1.63 -18.07 2.59
CA THR B 90 -1.01 -17.57 1.38
C THR B 90 0.20 -16.67 1.64
N PHE B 91 0.07 -15.64 2.47
CA PHE B 91 1.23 -14.80 2.73
C PHE B 91 2.25 -15.71 3.37
N ASP B 92 1.83 -16.39 4.42
CA ASP B 92 2.72 -17.30 5.12
C ASP B 92 3.26 -18.29 4.12
N THR B 93 2.39 -18.78 3.23
CA THR B 93 2.77 -19.76 2.23
C THR B 93 3.71 -19.20 1.17
N VAL B 94 3.29 -18.12 0.52
CA VAL B 94 4.15 -17.51 -0.49
C VAL B 94 5.48 -17.12 0.16
N SER B 95 5.42 -16.80 1.45
CA SER B 95 6.63 -16.42 2.18
C SER B 95 7.59 -17.59 2.20
N LEU B 96 7.10 -18.71 2.72
CA LEU B 96 7.89 -19.93 2.82
C LEU B 96 8.42 -20.35 1.47
N LEU B 97 7.58 -20.34 0.44
CA LEU B 97 8.11 -20.66 -0.86
C LEU B 97 8.99 -19.44 -1.04
N LYS B 98 9.16 -18.97 -2.27
CA LYS B 98 10.01 -17.79 -2.49
C LYS B 98 11.27 -17.86 -1.61
N GLN B 99 11.54 -19.04 -1.06
CA GLN B 99 12.69 -19.29 -0.22
C GLN B 99 13.15 -20.68 -0.61
N ARG B 100 12.21 -21.58 -0.80
CA ARG B 100 12.57 -22.92 -1.25
C ARG B 100 12.97 -22.77 -2.72
N TYR B 101 12.41 -21.76 -3.38
CA TYR B 101 12.72 -21.54 -4.78
C TYR B 101 13.07 -20.08 -5.05
N PRO B 102 14.28 -19.68 -4.69
CA PRO B 102 14.73 -18.29 -4.88
C PRO B 102 15.18 -17.99 -6.31
N ASN B 103 15.30 -19.02 -7.14
CA ASN B 103 15.73 -18.82 -8.53
C ASN B 103 14.61 -18.98 -9.55
N ASP B 104 13.43 -19.36 -9.07
CA ASP B 104 12.27 -19.52 -9.94
C ASP B 104 11.36 -18.31 -9.92
N GLN B 105 10.73 -18.04 -11.07
CA GLN B 105 9.82 -16.90 -11.18
C GLN B 105 8.42 -17.35 -10.75
N LEU B 106 7.93 -16.79 -9.66
CA LEU B 106 6.61 -17.16 -9.15
C LEU B 106 5.47 -16.15 -9.34
N PHE B 107 4.34 -16.67 -9.76
CA PHE B 107 3.15 -15.87 -9.97
C PHE B 107 2.05 -16.62 -9.27
N PHE B 108 1.07 -15.89 -8.73
CA PHE B 108 -0.06 -16.52 -8.09
C PHE B 108 -1.25 -16.34 -9.03
N ILE B 109 -2.21 -17.24 -8.94
CA ILE B 109 -3.34 -17.18 -9.85
C ILE B 109 -4.69 -17.28 -9.21
N ILE B 110 -5.54 -16.31 -9.53
CA ILE B 110 -6.89 -16.29 -8.98
C ILE B 110 -7.88 -15.97 -10.09
N GLY B 111 -9.14 -16.35 -9.89
CA GLY B 111 -10.18 -16.07 -10.87
C GLY B 111 -11.00 -14.87 -10.42
N ALA B 112 -11.85 -14.33 -11.30
CA ALA B 112 -12.68 -13.17 -10.98
C ALA B 112 -13.15 -13.26 -9.53
N ASP B 113 -13.69 -14.42 -9.22
CA ASP B 113 -14.17 -14.76 -7.91
C ASP B 113 -13.31 -14.16 -6.79
N MET B 114 -12.13 -14.74 -6.56
CA MET B 114 -11.24 -14.23 -5.51
C MET B 114 -10.83 -12.78 -5.72
N ILE B 115 -10.76 -12.33 -6.97
CA ILE B 115 -10.38 -10.95 -7.25
C ILE B 115 -11.25 -9.96 -6.46
N GLU B 116 -12.52 -10.29 -6.32
CA GLU B 116 -13.48 -9.49 -5.58
C GLU B 116 -13.22 -9.60 -4.08
N TYR B 117 -12.56 -10.67 -3.70
CA TYR B 117 -12.26 -10.95 -2.31
C TYR B 117 -10.95 -10.36 -1.78
N LEU B 118 -10.08 -9.92 -2.70
CA LEU B 118 -8.78 -9.37 -2.36
C LEU B 118 -8.79 -8.62 -1.03
N PRO B 119 -9.71 -7.66 -0.86
CA PRO B 119 -9.81 -6.89 0.39
C PRO B 119 -9.84 -7.78 1.63
N LYS B 120 -10.87 -8.62 1.76
CA LYS B 120 -10.94 -9.54 2.89
C LYS B 120 -9.92 -10.61 2.51
N TRP B 121 -8.73 -10.58 3.10
CA TRP B 121 -7.70 -11.53 2.70
C TRP B 121 -6.52 -11.11 3.55
N TYR B 122 -5.99 -12.04 4.33
CA TYR B 122 -4.91 -11.76 5.28
C TYR B 122 -3.60 -11.26 4.72
N LYS B 123 -3.23 -10.04 5.08
CA LYS B 123 -1.97 -9.47 4.67
C LYS B 123 -1.74 -9.32 3.19
N LEU B 124 -2.72 -8.78 2.49
CA LEU B 124 -2.60 -8.64 1.05
C LEU B 124 -1.53 -7.64 0.68
N ASP B 125 -1.48 -6.54 1.42
CA ASP B 125 -0.52 -5.50 1.14
C ASP B 125 0.92 -5.93 1.30
N GLU B 126 1.18 -7.01 2.04
CA GLU B 126 2.55 -7.49 2.21
C GLU B 126 2.77 -8.64 1.24
N LEU B 127 1.67 -9.28 0.89
CA LEU B 127 1.70 -10.40 -0.05
C LEU B 127 1.96 -9.88 -1.46
N LEU B 128 1.27 -8.80 -1.81
CA LEU B 128 1.39 -8.18 -3.11
C LEU B 128 2.83 -7.80 -3.36
N ASN B 129 3.54 -7.52 -2.27
CA ASN B 129 4.94 -7.11 -2.35
C ASN B 129 5.83 -8.31 -2.63
N LEU B 130 5.34 -9.50 -2.30
CA LEU B 130 6.10 -10.71 -2.52
C LEU B 130 5.94 -11.35 -3.88
N ILE B 131 4.70 -11.49 -4.31
CA ILE B 131 4.45 -12.13 -5.57
C ILE B 131 3.47 -11.33 -6.43
N GLN B 132 3.44 -11.64 -7.71
CA GLN B 132 2.55 -10.95 -8.64
C GLN B 132 1.31 -11.78 -8.83
N PHE B 133 0.18 -11.10 -8.99
CA PHE B 133 -1.07 -11.80 -9.19
C PHE B 133 -1.52 -11.80 -10.64
N ILE B 134 -2.05 -12.94 -11.07
CA ILE B 134 -2.60 -13.09 -12.42
C ILE B 134 -4.11 -13.39 -12.36
N GLY B 135 -4.94 -12.48 -12.87
CA GLY B 135 -6.37 -12.70 -12.85
C GLY B 135 -6.84 -13.36 -14.14
N VAL B 136 -8.04 -13.92 -14.10
CA VAL B 136 -8.56 -14.60 -15.27
C VAL B 136 -9.88 -14.05 -15.77
N LYS B 137 -10.85 -14.12 -14.86
CA LYS B 137 -12.22 -13.70 -15.08
C LYS B 137 -13.16 -14.92 -15.16
N ARG B 138 -14.06 -14.94 -14.19
CA ARG B 138 -15.04 -15.99 -13.99
C ARG B 138 -16.45 -15.45 -14.25
N PRO B 139 -17.31 -16.23 -14.95
CA PRO B 139 -18.68 -15.80 -15.25
C PRO B 139 -19.49 -15.73 -13.96
N GLY B 140 -20.14 -14.59 -13.69
CA GLY B 140 -20.90 -14.46 -12.47
C GLY B 140 -20.27 -13.47 -11.51
N PHE B 141 -18.95 -13.32 -11.64
CA PHE B 141 -18.18 -12.39 -10.83
C PHE B 141 -17.56 -11.50 -11.86
N HIS B 142 -16.79 -10.53 -11.41
CA HIS B 142 -16.14 -9.66 -12.36
C HIS B 142 -15.03 -8.88 -11.69
N VAL B 143 -13.91 -8.77 -12.41
CA VAL B 143 -12.71 -8.07 -11.98
C VAL B 143 -12.85 -6.55 -12.03
N GLU B 144 -12.16 -5.85 -11.15
CA GLU B 144 -12.23 -4.39 -11.11
C GLU B 144 -11.23 -3.81 -10.11
N THR B 145 -10.81 -4.65 -9.18
CA THR B 145 -9.87 -4.29 -8.13
C THR B 145 -8.98 -3.07 -8.24
N PRO B 146 -8.62 -2.51 -7.08
CA PRO B 146 -7.76 -1.34 -7.00
C PRO B 146 -6.35 -1.85 -6.67
N TYR B 147 -6.10 -3.11 -6.97
CA TYR B 147 -4.83 -3.74 -6.64
C TYR B 147 -3.98 -4.19 -7.83
N PRO B 148 -2.67 -4.11 -7.67
CA PRO B 148 -1.84 -4.54 -8.80
C PRO B 148 -2.23 -5.97 -9.19
N LEU B 149 -2.63 -6.12 -10.45
CA LEU B 149 -3.05 -7.41 -10.94
C LEU B 149 -3.00 -7.48 -12.48
N LEU B 150 -2.25 -8.46 -12.97
CA LEU B 150 -2.10 -8.69 -14.41
C LEU B 150 -3.18 -9.65 -14.86
N PHE B 151 -3.63 -9.50 -16.09
CA PHE B 151 -4.69 -10.35 -16.57
C PHE B 151 -4.28 -11.27 -17.66
N ALA B 152 -5.08 -12.30 -17.86
CA ALA B 152 -4.84 -13.29 -18.90
C ALA B 152 -6.16 -13.70 -19.50
N ASP B 153 -6.33 -13.50 -20.81
CA ASP B 153 -7.57 -13.87 -21.51
C ASP B 153 -7.85 -15.34 -21.43
N VAL B 154 -9.03 -15.66 -20.93
CA VAL B 154 -9.35 -17.04 -20.74
C VAL B 154 -10.82 -17.27 -20.91
N PRO B 155 -11.18 -18.10 -21.89
CA PRO B 155 -12.56 -18.41 -22.17
C PRO B 155 -13.33 -18.59 -20.87
N GLU B 156 -14.43 -17.86 -20.71
CA GLU B 156 -15.22 -17.99 -19.50
C GLU B 156 -15.84 -19.39 -19.47
N PHE B 157 -15.89 -19.99 -18.29
CA PHE B 157 -16.49 -21.30 -18.15
C PHE B 157 -17.22 -21.27 -16.82
N GLU B 158 -18.55 -21.16 -16.85
CA GLU B 158 -19.34 -21.10 -15.63
C GLU B 158 -19.49 -22.41 -14.90
N VAL B 159 -18.54 -22.74 -14.05
CA VAL B 159 -18.61 -23.96 -13.28
C VAL B 159 -17.81 -23.70 -12.01
N SER B 160 -18.45 -23.99 -10.87
CA SER B 160 -17.84 -23.78 -9.56
C SER B 160 -18.08 -25.07 -8.77
N SER B 161 -17.20 -25.39 -7.83
CA SER B 161 -17.35 -26.63 -7.07
C SER B 161 -18.70 -26.67 -6.32
N THR B 162 -19.18 -25.54 -5.86
CA THR B 162 -20.45 -25.53 -5.12
C THR B 162 -21.65 -25.82 -6.01
N MET B 163 -21.42 -25.99 -7.31
CA MET B 163 -22.48 -26.33 -8.26
C MET B 163 -22.48 -27.85 -8.20
N ILE B 164 -21.32 -28.43 -8.47
CA ILE B 164 -21.11 -29.87 -8.47
C ILE B 164 -21.68 -30.47 -7.18
N ARG B 165 -21.25 -29.94 -6.03
CA ARG B 165 -21.69 -30.47 -4.74
C ARG B 165 -23.19 -30.63 -4.65
N GLU B 166 -23.93 -29.63 -5.13
CA GLU B 166 -25.38 -29.69 -5.09
C GLU B 166 -25.88 -30.60 -6.20
N ARG B 167 -25.14 -30.62 -7.30
CA ARG B 167 -25.47 -31.47 -8.41
C ARG B 167 -25.35 -32.87 -7.79
N PHE B 168 -24.15 -33.18 -7.29
CA PHE B 168 -23.80 -34.45 -6.63
C PHE B 168 -24.61 -34.68 -5.36
N LYS B 169 -25.86 -34.27 -5.35
CA LYS B 169 -26.69 -34.43 -4.17
C LYS B 169 -27.96 -33.75 -4.61
N SER B 170 -28.78 -34.52 -5.31
CA SER B 170 -30.01 -34.05 -5.91
C SER B 170 -29.84 -34.76 -7.26
N LYS B 171 -28.75 -35.54 -7.31
CA LYS B 171 -28.33 -36.31 -8.47
C LYS B 171 -28.63 -35.63 -9.81
N LYS B 172 -27.78 -34.68 -10.15
CA LYS B 172 -27.90 -33.96 -11.40
C LYS B 172 -26.67 -34.37 -12.21
N PRO B 173 -26.70 -34.15 -13.52
CA PRO B 173 -25.65 -34.47 -14.47
C PRO B 173 -24.18 -34.54 -14.03
N THR B 174 -23.58 -33.40 -13.69
CA THR B 174 -22.16 -33.32 -13.30
C THR B 174 -21.20 -33.74 -14.41
N ASP B 175 -21.73 -34.34 -15.47
CA ASP B 175 -20.90 -34.78 -16.57
C ASP B 175 -20.40 -33.58 -17.33
N TYR B 176 -19.17 -33.70 -17.83
CA TYR B 176 -18.53 -32.64 -18.60
C TYR B 176 -18.24 -31.42 -17.75
N LEU B 177 -18.32 -31.57 -16.43
CA LEU B 177 -18.03 -30.47 -15.50
C LEU B 177 -16.84 -30.84 -14.62
N ILE B 178 -16.67 -32.13 -14.42
CA ILE B 178 -15.57 -32.63 -13.62
C ILE B 178 -15.04 -33.85 -14.33
N PRO B 179 -13.71 -34.10 -14.25
CA PRO B 179 -13.20 -35.28 -14.94
C PRO B 179 -14.07 -36.48 -14.63
N ASP B 180 -14.03 -37.48 -15.50
CA ASP B 180 -14.82 -38.67 -15.26
C ASP B 180 -14.10 -39.47 -14.17
N LYS B 181 -12.83 -39.14 -13.92
CA LYS B 181 -12.02 -39.81 -12.89
C LYS B 181 -12.38 -39.26 -11.52
N VAL B 182 -12.75 -37.98 -11.47
CA VAL B 182 -13.08 -37.34 -10.21
C VAL B 182 -14.52 -37.65 -9.82
N LYS B 183 -15.35 -37.99 -10.81
CA LYS B 183 -16.74 -38.29 -10.50
C LYS B 183 -16.74 -39.63 -9.82
N LYS B 184 -15.93 -40.55 -10.35
CA LYS B 184 -15.84 -41.89 -9.77
C LYS B 184 -15.36 -41.81 -8.33
N TYR B 185 -14.23 -41.15 -8.12
CA TYR B 185 -13.72 -41.03 -6.78
C TYR B 185 -14.79 -40.61 -5.79
N VAL B 186 -15.63 -39.66 -6.18
CA VAL B 186 -16.67 -39.20 -5.28
C VAL B 186 -17.64 -40.31 -4.97
N GLU B 187 -18.26 -40.84 -6.02
CA GLU B 187 -19.22 -41.93 -5.86
C GLU B 187 -18.58 -43.04 -5.04
N GLU B 188 -17.38 -43.43 -5.43
CA GLU B 188 -16.67 -44.49 -4.74
C GLU B 188 -16.43 -44.15 -3.28
N ASN B 189 -15.70 -43.08 -3.00
CA ASN B 189 -15.41 -42.73 -1.62
C ASN B 189 -16.52 -41.99 -0.90
N GLY B 190 -17.76 -42.24 -1.35
CA GLY B 190 -18.95 -41.67 -0.72
C GLY B 190 -19.17 -40.18 -0.51
N LEU B 191 -18.27 -39.36 -1.01
CA LEU B 191 -18.36 -37.90 -0.88
C LEU B 191 -19.70 -37.23 -1.22
N TYR B 192 -19.69 -35.91 -1.11
CA TYR B 192 -20.82 -35.01 -1.37
C TYR B 192 -22.18 -35.72 -1.46
N LYS C 7 -41.20 -41.84 -26.47
CA LYS C 7 -39.74 -41.56 -26.35
C LYS C 7 -39.50 -40.08 -26.66
N LYS C 8 -39.09 -39.31 -25.64
CA LYS C 8 -38.82 -37.87 -25.81
C LYS C 8 -37.43 -37.65 -26.36
N ILE C 9 -37.37 -37.17 -27.60
CA ILE C 9 -36.10 -36.97 -28.28
C ILE C 9 -35.74 -35.55 -28.67
N GLY C 10 -34.47 -35.19 -28.44
CA GLY C 10 -33.99 -33.88 -28.78
C GLY C 10 -33.00 -33.93 -29.94
N ILE C 11 -33.41 -33.43 -31.10
CA ILE C 11 -32.55 -33.39 -32.26
C ILE C 11 -31.61 -32.19 -32.07
N PHE C 12 -30.32 -32.47 -32.09
CA PHE C 12 -29.32 -31.44 -31.84
C PHE C 12 -28.43 -31.32 -33.06
N GLY C 13 -28.97 -30.74 -34.13
CA GLY C 13 -28.18 -30.59 -35.35
C GLY C 13 -26.93 -29.73 -35.16
N GLY C 14 -25.93 -30.00 -36.00
CA GLY C 14 -24.68 -29.24 -35.97
C GLY C 14 -23.75 -29.74 -37.08
N THR C 15 -22.87 -28.90 -37.60
CA THR C 15 -21.95 -29.39 -38.63
C THR C 15 -20.73 -29.99 -37.91
N PHE C 16 -20.61 -29.66 -36.62
CA PHE C 16 -19.54 -30.15 -35.75
C PHE C 16 -18.19 -30.19 -36.44
N ASP C 17 -17.61 -29.01 -36.63
CA ASP C 17 -16.35 -28.88 -37.33
C ASP C 17 -15.40 -27.97 -36.58
N PRO C 18 -14.82 -28.45 -35.47
CA PRO C 18 -14.98 -29.78 -34.90
C PRO C 18 -15.96 -29.74 -33.74
N PRO C 19 -16.38 -30.91 -33.22
CA PRO C 19 -17.31 -30.96 -32.09
C PRO C 19 -16.47 -30.58 -30.87
N HIS C 20 -17.09 -30.13 -29.79
CA HIS C 20 -16.31 -29.74 -28.63
C HIS C 20 -17.12 -29.77 -27.33
N ASN C 21 -16.43 -29.71 -26.21
CA ASN C 21 -17.10 -29.78 -24.92
C ASN C 21 -18.30 -28.84 -24.82
N GLY C 22 -18.28 -27.78 -25.62
CA GLY C 22 -19.40 -26.86 -25.61
C GLY C 22 -20.65 -27.61 -26.05
N HIS C 23 -20.52 -28.43 -27.09
CA HIS C 23 -21.64 -29.20 -27.58
C HIS C 23 -22.05 -30.23 -26.55
N LEU C 24 -21.08 -31.01 -26.08
CA LEU C 24 -21.34 -32.05 -25.08
C LEU C 24 -22.03 -31.54 -23.82
N LEU C 25 -21.60 -30.37 -23.34
CA LEU C 25 -22.19 -29.78 -22.16
C LEU C 25 -23.63 -29.37 -22.39
N MET C 26 -23.88 -28.58 -23.42
CA MET C 26 -25.20 -28.11 -23.74
C MET C 26 -26.19 -29.23 -23.91
N ALA C 27 -25.81 -30.23 -24.68
CA ALA C 27 -26.69 -31.35 -24.93
C ALA C 27 -27.03 -32.11 -23.65
N ASN C 28 -26.01 -32.47 -22.90
CA ASN C 28 -26.22 -33.23 -21.66
C ASN C 28 -27.10 -32.45 -20.67
N GLU C 29 -27.04 -31.12 -20.73
CA GLU C 29 -27.83 -30.26 -19.83
C GLU C 29 -29.24 -30.08 -20.36
N VAL C 30 -29.39 -29.95 -21.66
CA VAL C 30 -30.74 -29.82 -22.20
C VAL C 30 -31.40 -31.18 -21.95
N LEU C 31 -30.63 -32.26 -22.08
CA LEU C 31 -31.12 -33.61 -21.86
C LEU C 31 -31.81 -33.75 -20.51
N TYR C 32 -31.24 -33.10 -19.50
CA TYR C 32 -31.80 -33.14 -18.17
C TYR C 32 -32.88 -32.08 -18.01
N GLN C 33 -32.51 -30.83 -18.30
CA GLN C 33 -33.42 -29.69 -18.18
C GLN C 33 -34.74 -29.80 -18.91
N ALA C 34 -34.76 -30.51 -20.04
CA ALA C 34 -36.00 -30.63 -20.81
C ALA C 34 -36.67 -32.00 -20.64
N GLY C 35 -36.17 -32.77 -19.69
CA GLY C 35 -36.74 -34.09 -19.43
C GLY C 35 -36.72 -35.05 -20.59
N LEU C 36 -35.72 -34.92 -21.46
CA LEU C 36 -35.60 -35.80 -22.61
C LEU C 36 -35.03 -37.16 -22.22
N ASP C 37 -35.15 -38.12 -23.12
CA ASP C 37 -34.64 -39.46 -22.90
C ASP C 37 -33.28 -39.59 -23.57
N GLU C 38 -33.15 -38.97 -24.74
CA GLU C 38 -31.90 -39.04 -25.48
C GLU C 38 -31.70 -37.90 -26.46
N ILE C 39 -30.46 -37.42 -26.53
CA ILE C 39 -30.11 -36.36 -27.44
C ILE C 39 -29.56 -36.99 -28.71
N TRP C 40 -29.97 -36.49 -29.86
CA TRP C 40 -29.47 -37.03 -31.11
C TRP C 40 -28.57 -36.03 -31.78
N PHE C 41 -27.30 -36.37 -31.94
CA PHE C 41 -26.37 -35.47 -32.59
C PHE C 41 -26.52 -35.73 -34.08
N MET C 42 -27.10 -34.76 -34.77
CA MET C 42 -27.33 -34.90 -36.19
C MET C 42 -26.44 -33.97 -37.03
N PRO C 43 -25.44 -34.57 -37.73
CA PRO C 43 -24.44 -33.94 -38.61
C PRO C 43 -24.88 -33.61 -40.05
N ASN C 44 -24.49 -32.44 -40.55
CA ASN C 44 -24.86 -32.00 -41.89
C ASN C 44 -24.02 -32.63 -42.98
N GLN C 45 -24.67 -33.03 -44.07
CA GLN C 45 -23.94 -33.59 -45.21
C GLN C 45 -23.15 -32.41 -45.75
N ILE C 46 -23.81 -31.26 -45.78
CA ILE C 46 -23.22 -30.02 -46.23
C ILE C 46 -24.06 -28.92 -45.57
N PRO C 47 -23.44 -28.15 -44.65
CA PRO C 47 -24.10 -27.04 -43.92
C PRO C 47 -24.92 -26.18 -44.86
N PRO C 48 -26.17 -25.91 -44.51
CA PRO C 48 -27.08 -25.10 -45.31
C PRO C 48 -26.88 -23.58 -45.27
N HIS C 49 -25.99 -23.12 -44.42
CA HIS C 49 -25.78 -21.69 -44.23
C HIS C 49 -24.31 -21.45 -44.07
N LYS C 50 -23.59 -21.48 -45.16
CA LYS C 50 -22.16 -21.25 -45.18
C LYS C 50 -21.61 -22.42 -45.97
N GLN C 51 -21.89 -22.41 -47.26
CA GLN C 51 -21.34 -23.45 -48.12
C GLN C 51 -20.35 -22.65 -48.87
N ASN C 52 -20.35 -21.37 -48.55
CA ASN C 52 -19.30 -20.60 -49.09
C ASN C 52 -18.48 -20.17 -47.88
N GLU C 53 -18.00 -21.26 -47.28
CA GLU C 53 -17.12 -21.42 -46.12
C GLU C 53 -16.56 -22.75 -46.52
N ASP C 54 -15.27 -22.86 -46.30
CA ASP C 54 -14.57 -24.05 -46.70
C ASP C 54 -14.89 -25.42 -46.05
N TYR C 55 -15.88 -25.49 -45.15
CA TYR C 55 -16.29 -26.71 -44.37
C TYR C 55 -15.50 -28.02 -44.60
N THR C 56 -15.32 -28.79 -43.53
CA THR C 56 -14.51 -30.00 -43.71
C THR C 56 -15.30 -31.20 -44.20
N ASP C 57 -14.64 -31.92 -45.09
CA ASP C 57 -15.16 -33.09 -45.79
C ASP C 57 -16.26 -34.00 -45.24
N SER C 58 -16.75 -33.73 -44.05
CA SER C 58 -17.86 -34.52 -43.49
C SER C 58 -17.48 -35.86 -42.84
N PHE C 59 -16.82 -36.72 -43.60
CA PHE C 59 -16.36 -38.01 -43.10
C PHE C 59 -15.60 -37.79 -41.77
N HIS C 60 -14.80 -36.73 -41.73
CA HIS C 60 -14.05 -36.44 -40.54
C HIS C 60 -14.96 -35.89 -39.48
N ARG C 61 -15.88 -35.02 -39.88
CA ARG C 61 -16.81 -34.47 -38.91
C ARG C 61 -17.56 -35.61 -38.22
N VAL C 62 -17.96 -36.61 -38.98
CA VAL C 62 -18.67 -37.72 -38.36
C VAL C 62 -17.73 -38.59 -37.52
N GLU C 63 -16.46 -38.65 -37.90
CA GLU C 63 -15.53 -39.47 -37.13
C GLU C 63 -15.22 -38.77 -35.83
N MET C 64 -14.98 -37.46 -35.90
CA MET C 64 -14.71 -36.68 -34.70
C MET C 64 -15.98 -36.64 -33.83
N LEU C 65 -17.15 -36.74 -34.46
CA LEU C 65 -18.40 -36.70 -33.71
C LEU C 65 -18.60 -37.96 -32.91
N LYS C 66 -18.40 -39.10 -33.56
CA LYS C 66 -18.53 -40.40 -32.89
C LYS C 66 -17.62 -40.49 -31.66
N LEU C 67 -16.45 -39.89 -31.76
CA LEU C 67 -15.47 -39.92 -30.69
C LEU C 67 -15.93 -39.13 -29.48
N ALA C 68 -16.25 -37.86 -29.71
CA ALA C 68 -16.71 -37.01 -28.62
C ALA C 68 -17.97 -37.55 -27.90
N ILE C 69 -18.74 -38.41 -28.56
CA ILE C 69 -19.97 -38.86 -27.90
C ILE C 69 -20.11 -40.33 -27.62
N GLN C 70 -19.03 -41.08 -27.72
CA GLN C 70 -19.13 -42.51 -27.46
C GLN C 70 -19.44 -42.81 -26.00
N SER C 71 -18.78 -42.08 -25.11
CA SER C 71 -18.90 -42.27 -23.66
C SER C 71 -20.23 -41.99 -22.99
N ASN C 72 -21.13 -41.25 -23.64
CA ASN C 72 -22.43 -40.95 -23.03
C ASN C 72 -23.54 -41.77 -23.64
N PRO C 73 -24.11 -42.70 -22.85
CA PRO C 73 -25.19 -43.63 -23.17
C PRO C 73 -26.43 -42.95 -23.71
N SER C 74 -26.66 -41.74 -23.26
CA SER C 74 -27.82 -40.99 -23.70
C SER C 74 -27.59 -40.22 -24.97
N PHE C 75 -26.37 -40.25 -25.51
CA PHE C 75 -26.09 -39.52 -26.73
C PHE C 75 -26.14 -40.49 -27.89
N LYS C 76 -26.74 -40.06 -29.00
CA LYS C 76 -26.83 -40.93 -30.15
C LYS C 76 -26.58 -40.26 -31.47
N LEU C 77 -25.85 -40.92 -32.34
CA LEU C 77 -25.55 -40.35 -33.64
C LEU C 77 -26.75 -40.49 -34.56
N GLU C 78 -26.93 -39.55 -35.48
CA GLU C 78 -28.01 -39.60 -36.46
C GLU C 78 -27.50 -39.11 -37.82
N LEU C 79 -27.27 -40.05 -38.74
CA LEU C 79 -26.74 -39.68 -40.04
C LEU C 79 -27.79 -39.51 -41.11
N VAL C 80 -29.01 -39.19 -40.67
CA VAL C 80 -30.13 -39.00 -41.58
C VAL C 80 -29.85 -37.98 -42.68
N GLU C 81 -29.17 -36.89 -42.33
CA GLU C 81 -28.86 -35.88 -43.33
C GLU C 81 -27.74 -36.32 -44.29
N MET C 82 -26.98 -37.34 -43.89
CA MET C 82 -25.89 -37.88 -44.71
C MET C 82 -26.48 -38.81 -45.76
N GLU C 83 -27.78 -39.04 -45.63
CA GLU C 83 -28.54 -39.94 -46.49
C GLU C 83 -28.89 -39.49 -47.88
N ARG C 84 -28.79 -38.19 -48.12
CA ARG C 84 -29.15 -37.64 -49.42
C ARG C 84 -28.34 -36.39 -49.66
N GLU C 85 -27.75 -36.28 -50.84
CA GLU C 85 -26.95 -35.13 -51.20
C GLU C 85 -27.67 -33.80 -50.99
N GLY C 86 -27.09 -32.74 -51.55
CA GLY C 86 -27.66 -31.41 -51.43
C GLY C 86 -27.65 -30.82 -50.03
N PRO C 87 -27.62 -29.48 -49.93
CA PRO C 87 -27.60 -28.64 -48.73
C PRO C 87 -28.61 -29.09 -47.68
N SER C 88 -28.10 -29.46 -46.51
CA SER C 88 -28.96 -29.96 -45.45
C SER C 88 -29.89 -28.95 -44.80
N TYR C 89 -31.11 -28.86 -45.32
CA TYR C 89 -32.08 -27.94 -44.75
C TYR C 89 -32.92 -28.64 -43.68
N THR C 90 -32.90 -28.07 -42.49
CA THR C 90 -33.62 -28.64 -41.37
C THR C 90 -35.10 -28.90 -41.65
N PHE C 91 -35.75 -28.06 -42.44
CA PHE C 91 -37.15 -28.31 -42.75
C PHE C 91 -37.26 -29.68 -43.43
N ASP C 92 -36.48 -29.85 -44.49
CA ASP C 92 -36.47 -31.10 -45.24
C ASP C 92 -36.17 -32.30 -44.36
N THR C 93 -35.24 -32.14 -43.44
CA THR C 93 -34.86 -33.21 -42.54
C THR C 93 -35.92 -33.50 -41.48
N VAL C 94 -36.34 -32.46 -40.75
CA VAL C 94 -37.36 -32.64 -39.71
C VAL C 94 -38.60 -33.32 -40.33
N SER C 95 -38.92 -32.92 -41.56
CA SER C 95 -40.05 -33.51 -42.27
C SER C 95 -39.83 -35.00 -42.21
N LEU C 96 -38.92 -35.45 -43.05
CA LEU C 96 -38.57 -36.85 -43.11
C LEU C 96 -38.59 -37.48 -41.73
N LEU C 97 -37.89 -36.87 -40.79
CA LEU C 97 -37.84 -37.41 -39.43
C LEU C 97 -39.18 -37.57 -38.74
N LYS C 98 -40.09 -36.63 -38.94
CA LYS C 98 -41.38 -36.75 -38.29
C LYS C 98 -42.08 -37.97 -38.83
N GLN C 99 -41.68 -38.38 -40.03
CA GLN C 99 -42.28 -39.53 -40.68
C GLN C 99 -41.74 -40.87 -40.15
N ARG C 100 -40.42 -41.00 -40.07
CA ARG C 100 -39.79 -42.23 -39.60
C ARG C 100 -40.14 -42.54 -38.17
N TYR C 101 -40.29 -41.52 -37.36
CA TYR C 101 -40.60 -41.73 -35.97
C TYR C 101 -41.85 -40.94 -35.58
N PRO C 102 -43.03 -41.47 -35.92
CA PRO C 102 -44.31 -40.81 -35.63
C PRO C 102 -44.78 -40.97 -34.18
N ASN C 103 -44.16 -41.87 -33.42
CA ASN C 103 -44.57 -42.09 -32.04
C ASN C 103 -43.64 -41.51 -30.99
N ASP C 104 -42.57 -40.86 -31.45
CA ASP C 104 -41.61 -40.27 -30.52
C ASP C 104 -41.73 -38.76 -30.57
N GLN C 105 -41.64 -38.10 -29.41
CA GLN C 105 -41.74 -36.66 -29.40
C GLN C 105 -40.39 -36.03 -29.74
N LEU C 106 -40.38 -35.19 -30.77
CA LEU C 106 -39.14 -34.57 -31.22
C LEU C 106 -38.98 -33.09 -30.93
N PHE C 107 -37.85 -32.72 -30.37
CA PHE C 107 -37.54 -31.32 -30.11
C PHE C 107 -36.19 -31.01 -30.76
N PHE C 108 -36.07 -29.83 -31.36
CA PHE C 108 -34.81 -29.45 -31.99
C PHE C 108 -34.07 -28.60 -30.95
N ILE C 109 -32.75 -28.45 -31.11
CA ILE C 109 -31.98 -27.66 -30.16
C ILE C 109 -30.93 -26.75 -30.76
N ILE C 110 -30.92 -25.49 -30.34
CA ILE C 110 -30.00 -24.46 -30.83
C ILE C 110 -29.48 -23.61 -29.66
N GLY C 111 -28.28 -23.06 -29.83
CA GLY C 111 -27.69 -22.21 -28.81
C GLY C 111 -28.00 -20.76 -29.15
N ALA C 112 -27.66 -19.84 -28.24
CA ALA C 112 -27.92 -18.41 -28.44
C ALA C 112 -27.58 -17.96 -29.85
N ASP C 113 -26.49 -18.51 -30.35
CA ASP C 113 -25.96 -18.24 -31.66
C ASP C 113 -27.00 -18.35 -32.79
N MET C 114 -27.52 -19.57 -32.95
CA MET C 114 -28.52 -19.86 -33.97
C MET C 114 -29.85 -19.15 -33.76
N ILE C 115 -30.18 -18.90 -32.51
CA ILE C 115 -31.43 -18.22 -32.19
C ILE C 115 -31.45 -16.85 -32.89
N GLU C 116 -30.30 -16.19 -32.93
CA GLU C 116 -30.19 -14.89 -33.59
C GLU C 116 -30.32 -15.07 -35.08
N TYR C 117 -30.07 -16.29 -35.53
CA TYR C 117 -30.09 -16.63 -36.94
C TYR C 117 -31.42 -17.16 -37.46
N LEU C 118 -32.37 -17.46 -36.57
CA LEU C 118 -33.66 -17.98 -37.03
C LEU C 118 -34.18 -17.30 -38.31
N PRO C 119 -34.22 -15.95 -38.35
CA PRO C 119 -34.73 -15.30 -39.57
C PRO C 119 -34.10 -15.86 -40.85
N LYS C 120 -32.79 -15.68 -41.03
CA LYS C 120 -32.13 -16.22 -42.21
C LYS C 120 -32.09 -17.71 -41.90
N TRP C 121 -33.00 -18.48 -42.48
CA TRP C 121 -33.07 -19.91 -42.19
C TRP C 121 -34.24 -20.43 -43.03
N TYR C 122 -33.94 -21.33 -43.94
CA TYR C 122 -34.94 -21.88 -44.86
C TYR C 122 -36.25 -22.45 -44.29
N LYS C 123 -37.35 -21.77 -44.59
CA LYS C 123 -38.68 -22.20 -44.16
C LYS C 123 -38.96 -22.29 -42.67
N LEU C 124 -38.42 -21.37 -41.89
CA LEU C 124 -38.63 -21.41 -40.46
C LEU C 124 -40.10 -21.51 -40.08
N ASP C 125 -40.90 -20.65 -40.69
CA ASP C 125 -42.34 -20.63 -40.41
C ASP C 125 -43.07 -21.96 -40.56
N GLU C 126 -42.64 -22.79 -41.50
CA GLU C 126 -43.27 -24.09 -41.71
C GLU C 126 -42.69 -25.09 -40.73
N LEU C 127 -41.40 -24.95 -40.50
CA LEU C 127 -40.67 -25.82 -39.58
C LEU C 127 -41.16 -25.65 -38.15
N LEU C 128 -41.26 -24.40 -37.69
CA LEU C 128 -41.70 -24.12 -36.33
C LEU C 128 -43.01 -24.80 -36.04
N ASN C 129 -43.71 -25.08 -37.12
CA ASN C 129 -45.00 -25.75 -37.06
C ASN C 129 -44.78 -27.25 -36.90
N LEU C 130 -43.68 -27.75 -37.46
CA LEU C 130 -43.34 -29.15 -37.40
C LEU C 130 -42.78 -29.64 -36.07
N ILE C 131 -41.77 -28.93 -35.56
CA ILE C 131 -41.12 -29.31 -34.31
C ILE C 131 -40.85 -28.10 -33.42
N GLN C 132 -40.86 -28.32 -32.11
CA GLN C 132 -40.61 -27.26 -31.14
C GLN C 132 -39.11 -27.04 -30.97
N PHE C 133 -38.71 -25.79 -30.77
CA PHE C 133 -37.32 -25.49 -30.57
C PHE C 133 -36.99 -25.29 -29.11
N ILE C 134 -35.75 -25.62 -28.74
CA ILE C 134 -35.32 -25.40 -27.38
C ILE C 134 -34.07 -24.55 -27.48
N GLY C 135 -34.02 -23.48 -26.71
CA GLY C 135 -32.88 -22.60 -26.75
C GLY C 135 -32.10 -22.73 -25.47
N VAL C 136 -30.84 -22.35 -25.54
CA VAL C 136 -30.05 -22.48 -24.36
C VAL C 136 -29.54 -21.12 -23.96
N LYS C 137 -28.49 -20.69 -24.64
CA LYS C 137 -27.84 -19.41 -24.42
C LYS C 137 -26.33 -19.58 -24.38
N ARG C 138 -25.70 -19.11 -25.45
CA ARG C 138 -24.26 -19.17 -25.57
C ARG C 138 -23.66 -17.82 -25.20
N PRO C 139 -22.44 -17.85 -24.66
CA PRO C 139 -21.73 -16.63 -24.24
C PRO C 139 -21.30 -15.85 -25.48
N GLY C 140 -21.61 -14.55 -25.50
CA GLY C 140 -21.24 -13.72 -26.64
C GLY C 140 -22.42 -13.37 -27.52
N PHE C 141 -23.35 -14.31 -27.61
CA PHE C 141 -24.56 -14.11 -28.39
C PHE C 141 -25.63 -13.96 -27.34
N HIS C 142 -26.85 -13.72 -27.77
CA HIS C 142 -27.93 -13.61 -26.81
C HIS C 142 -29.31 -13.80 -27.44
N VAL C 143 -30.19 -14.40 -26.65
CA VAL C 143 -31.55 -14.72 -27.02
C VAL C 143 -32.52 -13.53 -26.84
N GLU C 144 -33.57 -13.52 -27.65
CA GLU C 144 -34.56 -12.44 -27.61
C GLU C 144 -35.70 -12.70 -28.58
N THR C 145 -35.44 -13.53 -29.60
CA THR C 145 -36.38 -13.89 -30.66
C THR C 145 -37.87 -13.71 -30.48
N PRO C 146 -38.57 -13.41 -31.60
CA PRO C 146 -40.00 -13.20 -31.68
C PRO C 146 -40.67 -14.52 -32.03
N TYR C 147 -39.88 -15.58 -32.05
CA TYR C 147 -40.40 -16.90 -32.40
C TYR C 147 -40.73 -17.77 -31.20
N PRO C 148 -41.68 -18.69 -31.38
CA PRO C 148 -42.12 -19.62 -30.32
C PRO C 148 -40.93 -20.54 -30.04
N LEU C 149 -40.33 -20.42 -28.87
CA LEU C 149 -39.16 -21.24 -28.58
C LEU C 149 -39.15 -21.47 -27.08
N LEU C 150 -38.71 -22.63 -26.63
CA LEU C 150 -38.66 -22.90 -25.20
C LEU C 150 -37.24 -22.75 -24.70
N PHE C 151 -37.05 -22.59 -23.40
CA PHE C 151 -35.70 -22.39 -22.87
C PHE C 151 -35.23 -23.32 -21.76
N ALA C 152 -33.94 -23.62 -21.78
CA ALA C 152 -33.31 -24.48 -20.79
C ALA C 152 -32.03 -23.83 -20.26
N ASP C 153 -31.97 -23.63 -18.95
CA ASP C 153 -30.78 -23.01 -18.34
C ASP C 153 -29.59 -23.94 -18.51
N VAL C 154 -28.52 -23.39 -19.06
CA VAL C 154 -27.28 -24.13 -19.30
C VAL C 154 -26.07 -23.26 -19.10
N PRO C 155 -25.19 -23.63 -18.16
CA PRO C 155 -23.96 -22.92 -17.83
C PRO C 155 -23.28 -22.42 -19.07
N GLU C 156 -22.99 -21.11 -19.11
CA GLU C 156 -22.35 -20.53 -20.27
C GLU C 156 -20.92 -21.05 -20.39
N PHE C 157 -20.55 -21.48 -21.59
CA PHE C 157 -19.20 -22.01 -21.83
C PHE C 157 -18.74 -21.36 -23.13
N GLU C 158 -17.86 -20.38 -23.00
CA GLU C 158 -17.37 -19.65 -24.16
C GLU C 158 -16.43 -20.47 -25.00
N VAL C 159 -16.98 -21.36 -25.82
CA VAL C 159 -16.16 -22.17 -26.71
C VAL C 159 -16.92 -22.47 -28.00
N SER C 160 -16.24 -22.27 -29.13
CA SER C 160 -16.82 -22.46 -30.45
C SER C 160 -15.79 -23.17 -31.30
N SER C 161 -16.22 -23.82 -32.37
CA SER C 161 -15.27 -24.53 -33.22
C SER C 161 -14.33 -23.58 -33.96
N THR C 162 -14.85 -22.44 -34.37
CA THR C 162 -14.03 -21.48 -35.08
C THR C 162 -12.96 -20.98 -34.13
N MET C 163 -13.02 -21.43 -32.88
CA MET C 163 -12.02 -21.06 -31.89
C MET C 163 -10.94 -22.12 -32.08
N ILE C 164 -11.39 -23.37 -31.96
CA ILE C 164 -10.54 -24.54 -32.08
C ILE C 164 -9.70 -24.52 -33.34
N ARG C 165 -10.35 -24.23 -34.46
CA ARG C 165 -9.63 -24.21 -35.71
C ARG C 165 -8.43 -23.26 -35.67
N GLU C 166 -8.66 -22.05 -35.19
CA GLU C 166 -7.59 -21.09 -35.13
C GLU C 166 -6.61 -21.52 -34.06
N ARG C 167 -7.14 -22.11 -33.00
CA ARG C 167 -6.30 -22.57 -31.92
C ARG C 167 -5.41 -23.65 -32.57
N PHE C 168 -6.06 -24.61 -33.22
CA PHE C 168 -5.39 -25.71 -33.93
C PHE C 168 -4.68 -25.18 -35.16
N LYS C 169 -4.18 -23.95 -35.09
CA LYS C 169 -3.49 -23.34 -36.21
C LYS C 169 -3.05 -22.03 -35.64
N SER C 170 -1.93 -22.07 -34.97
CA SER C 170 -1.32 -20.94 -34.29
C SER C 170 -0.99 -21.62 -32.98
N LYS C 171 -0.97 -22.94 -33.08
CA LYS C 171 -0.65 -23.82 -32.00
C LYS C 171 -0.96 -23.26 -30.63
N LYS C 172 -2.24 -23.09 -30.32
CA LYS C 172 -2.63 -22.62 -29.00
C LYS C 172 -3.23 -23.84 -28.30
N PRO C 173 -3.21 -23.87 -26.96
CA PRO C 173 -3.71 -24.94 -26.10
C PRO C 173 -4.73 -25.98 -26.57
N THR C 174 -5.96 -25.57 -26.86
CA THR C 174 -7.00 -26.52 -27.27
C THR C 174 -7.36 -27.61 -26.24
N ASP C 175 -6.57 -27.78 -25.18
CA ASP C 175 -6.89 -28.79 -24.16
C ASP C 175 -8.02 -28.30 -23.27
N TYR C 176 -8.88 -29.23 -22.86
CA TYR C 176 -10.03 -28.94 -22.02
C TYR C 176 -11.12 -28.17 -22.78
N LEU C 177 -11.01 -28.14 -24.11
CA LEU C 177 -11.99 -27.48 -24.96
C LEU C 177 -12.64 -28.54 -25.85
N ILE C 178 -11.83 -29.53 -26.25
CA ILE C 178 -12.29 -30.63 -27.09
C ILE C 178 -11.80 -31.93 -26.47
N PRO C 179 -12.59 -33.03 -26.57
CA PRO C 179 -12.23 -34.33 -26.02
C PRO C 179 -10.82 -34.68 -26.43
N ASP C 180 -10.06 -35.27 -25.52
CA ASP C 180 -8.68 -35.56 -25.89
C ASP C 180 -8.66 -36.52 -27.04
N LYS C 181 -9.80 -37.18 -27.26
CA LYS C 181 -9.87 -38.11 -28.37
C LYS C 181 -9.98 -37.35 -29.67
N VAL C 182 -10.76 -36.28 -29.64
CA VAL C 182 -10.95 -35.48 -30.83
C VAL C 182 -9.63 -34.80 -31.18
N LYS C 183 -8.91 -34.32 -30.18
CA LYS C 183 -7.65 -33.66 -30.47
C LYS C 183 -6.76 -34.62 -31.25
N LYS C 184 -6.64 -35.87 -30.78
CA LYS C 184 -5.81 -36.84 -31.48
C LYS C 184 -6.25 -37.02 -32.92
N TYR C 185 -7.54 -37.21 -33.14
CA TYR C 185 -8.02 -37.38 -34.50
C TYR C 185 -7.56 -36.23 -35.39
N VAL C 186 -7.72 -34.99 -34.92
CA VAL C 186 -7.29 -33.88 -35.73
C VAL C 186 -5.80 -33.98 -36.02
N GLU C 187 -4.98 -34.14 -34.99
CA GLU C 187 -3.56 -34.24 -35.19
C GLU C 187 -3.25 -35.35 -36.18
N GLU C 188 -3.72 -36.55 -35.87
CA GLU C 188 -3.45 -37.68 -36.73
C GLU C 188 -3.87 -37.47 -38.18
N ASN C 189 -5.13 -37.15 -38.43
CA ASN C 189 -5.57 -36.99 -39.81
C ASN C 189 -5.28 -35.66 -40.50
N GLY C 190 -4.25 -34.96 -40.03
CA GLY C 190 -3.88 -33.69 -40.63
C GLY C 190 -4.91 -32.57 -40.71
N LEU C 191 -5.92 -32.58 -39.85
CA LEU C 191 -6.95 -31.53 -39.84
C LEU C 191 -6.50 -30.17 -39.30
N TYR C 192 -7.32 -29.15 -39.56
CA TYR C 192 -7.12 -27.77 -39.14
C TYR C 192 -5.70 -27.16 -39.10
N LYS D 7 -13.51 39.88 -29.04
CA LYS D 7 -12.75 38.92 -28.15
C LYS D 7 -13.46 37.55 -28.05
N LYS D 8 -12.90 36.55 -28.74
CA LYS D 8 -13.47 35.20 -28.76
C LYS D 8 -13.10 34.39 -27.51
N ILE D 9 -14.12 34.13 -26.68
CA ILE D 9 -14.00 33.40 -25.42
C ILE D 9 -14.77 32.10 -25.32
N GLY D 10 -14.14 31.10 -24.70
CA GLY D 10 -14.78 29.82 -24.52
C GLY D 10 -15.01 29.56 -23.03
N ILE D 11 -16.26 29.69 -22.58
CA ILE D 11 -16.60 29.42 -21.18
C ILE D 11 -16.52 27.91 -20.99
N PHE D 12 -15.69 27.52 -20.05
CA PHE D 12 -15.46 26.11 -19.78
C PHE D 12 -15.89 25.79 -18.37
N GLY D 13 -17.18 25.64 -18.18
CA GLY D 13 -17.70 25.34 -16.86
C GLY D 13 -17.45 23.93 -16.38
N GLY D 14 -17.17 23.78 -15.09
CA GLY D 14 -16.94 22.48 -14.50
C GLY D 14 -16.93 22.65 -12.98
N THR D 15 -17.05 21.58 -12.20
CA THR D 15 -17.01 21.76 -10.75
C THR D 15 -15.57 21.54 -10.32
N PHE D 16 -14.79 20.92 -11.22
CA PHE D 16 -13.37 20.62 -11.03
C PHE D 16 -13.03 20.09 -9.64
N ASP D 17 -13.42 18.84 -9.37
CA ASP D 17 -13.21 18.22 -8.07
C ASP D 17 -12.58 16.83 -8.12
N PRO D 18 -11.26 16.74 -8.44
CA PRO D 18 -10.33 17.82 -8.77
C PRO D 18 -10.16 18.09 -10.24
N PRO D 19 -9.42 19.15 -10.60
CA PRO D 19 -9.17 19.49 -12.00
C PRO D 19 -8.11 18.49 -12.42
N HIS D 20 -8.12 18.08 -13.67
CA HIS D 20 -7.11 17.15 -14.08
C HIS D 20 -6.64 17.43 -15.49
N ASN D 21 -5.61 16.73 -15.93
CA ASN D 21 -5.06 16.96 -17.25
C ASN D 21 -6.09 16.91 -18.33
N GLY D 22 -7.02 15.96 -18.25
CA GLY D 22 -8.06 15.88 -19.27
C GLY D 22 -8.65 17.27 -19.52
N HIS D 23 -8.94 17.97 -18.44
CA HIS D 23 -9.50 19.29 -18.52
C HIS D 23 -8.54 20.17 -19.27
N LEU D 24 -7.31 20.26 -18.76
CA LEU D 24 -6.28 21.09 -19.36
C LEU D 24 -6.10 20.77 -20.84
N LEU D 25 -6.06 19.50 -21.18
CA LEU D 25 -5.90 19.10 -22.57
C LEU D 25 -7.07 19.56 -23.44
N MET D 26 -8.27 19.18 -23.07
CA MET D 26 -9.41 19.58 -23.87
C MET D 26 -9.44 21.07 -24.11
N ALA D 27 -9.39 21.85 -23.04
CA ALA D 27 -9.44 23.29 -23.15
C ALA D 27 -8.39 23.88 -24.09
N ASN D 28 -7.16 23.45 -23.92
CA ASN D 28 -6.06 23.96 -24.74
C ASN D 28 -6.26 23.62 -26.21
N GLU D 29 -6.94 22.50 -26.48
CA GLU D 29 -7.22 22.03 -27.85
C GLU D 29 -8.35 22.85 -28.46
N VAL D 30 -9.46 22.91 -27.73
CA VAL D 30 -10.62 23.67 -28.18
C VAL D 30 -10.20 25.09 -28.48
N LEU D 31 -9.31 25.60 -27.65
CA LEU D 31 -8.79 26.96 -27.80
C LEU D 31 -8.17 27.15 -29.17
N TYR D 32 -7.55 26.09 -29.68
CA TYR D 32 -6.93 26.15 -30.98
C TYR D 32 -8.01 25.85 -32.01
N GLN D 33 -8.51 24.62 -31.95
CA GLN D 33 -9.52 24.14 -32.88
C GLN D 33 -10.67 25.12 -33.20
N ALA D 34 -11.13 25.87 -32.21
CA ALA D 34 -12.23 26.81 -32.42
C ALA D 34 -11.73 28.23 -32.57
N GLY D 35 -10.42 28.37 -32.76
CA GLY D 35 -9.80 29.66 -32.94
C GLY D 35 -10.15 30.74 -31.94
N LEU D 36 -10.25 30.34 -30.67
CA LEU D 36 -10.57 31.26 -29.57
C LEU D 36 -9.36 32.07 -29.09
N ASP D 37 -9.61 33.07 -28.25
CA ASP D 37 -8.53 33.90 -27.76
C ASP D 37 -8.11 33.45 -26.38
N GLU D 38 -9.06 32.93 -25.62
CA GLU D 38 -8.76 32.47 -24.28
C GLU D 38 -9.90 31.61 -23.76
N ILE D 39 -9.55 30.68 -22.89
CA ILE D 39 -10.51 29.78 -22.27
C ILE D 39 -10.71 30.24 -20.83
N TRP D 40 -11.96 30.34 -20.38
CA TRP D 40 -12.26 30.76 -19.00
C TRP D 40 -12.77 29.62 -18.16
N PHE D 41 -11.94 29.15 -17.24
CA PHE D 41 -12.33 28.06 -16.40
C PHE D 41 -13.32 28.56 -15.38
N MET D 42 -14.56 28.13 -15.48
CA MET D 42 -15.61 28.59 -14.57
C MET D 42 -16.12 27.56 -13.56
N PRO D 43 -15.64 27.66 -12.30
CA PRO D 43 -15.97 26.81 -11.15
C PRO D 43 -17.33 27.08 -10.50
N ASN D 44 -18.10 26.01 -10.25
CA ASN D 44 -19.42 26.14 -9.65
C ASN D 44 -19.37 26.42 -8.19
N GLN D 45 -20.37 27.11 -7.69
CA GLN D 45 -20.39 27.38 -6.27
C GLN D 45 -20.92 26.11 -5.64
N ILE D 46 -21.93 25.55 -6.30
CA ILE D 46 -22.58 24.31 -5.91
C ILE D 46 -23.12 23.69 -7.19
N PRO D 47 -22.48 22.61 -7.66
CA PRO D 47 -22.85 21.91 -8.88
C PRO D 47 -24.36 21.71 -8.97
N PRO D 48 -25.00 22.25 -10.03
CA PRO D 48 -26.45 22.10 -10.21
C PRO D 48 -26.92 20.64 -10.28
N HIS D 49 -26.33 19.87 -11.19
CA HIS D 49 -26.69 18.47 -11.39
C HIS D 49 -26.26 17.47 -10.33
N LYS D 50 -25.68 17.92 -9.23
CA LYS D 50 -25.32 16.98 -8.18
C LYS D 50 -25.25 17.67 -6.83
N GLN D 51 -26.35 18.28 -6.43
CA GLN D 51 -26.41 19.01 -5.17
C GLN D 51 -26.48 18.06 -3.97
N ASN D 52 -26.74 16.78 -4.21
CA ASN D 52 -26.81 15.88 -3.09
C ASN D 52 -25.67 14.93 -3.07
N GLU D 53 -24.54 15.47 -3.49
CA GLU D 53 -23.36 14.67 -3.30
C GLU D 53 -22.46 15.51 -2.49
N ASP D 54 -21.22 15.20 -2.72
CA ASP D 54 -20.24 15.66 -1.83
C ASP D 54 -19.26 16.69 -2.14
N TYR D 55 -19.38 17.39 -3.26
CA TYR D 55 -18.29 18.29 -3.64
C TYR D 55 -17.46 18.73 -2.46
N THR D 56 -16.30 19.23 -2.78
CA THR D 56 -15.45 19.54 -1.68
C THR D 56 -15.49 21.04 -1.57
N ASP D 57 -16.08 21.47 -0.50
CA ASP D 57 -16.19 22.87 -0.12
C ASP D 57 -15.93 24.08 -1.08
N SER D 58 -15.55 23.84 -2.34
CA SER D 58 -15.34 24.96 -3.28
C SER D 58 -13.98 25.66 -3.17
N PHE D 59 -13.72 26.25 -2.02
CA PHE D 59 -12.47 26.94 -1.78
C PHE D 59 -11.28 26.11 -2.27
N HIS D 60 -11.37 24.80 -2.10
CA HIS D 60 -10.27 23.96 -2.55
C HIS D 60 -10.35 23.73 -4.04
N ARG D 61 -11.55 23.70 -4.55
CA ARG D 61 -11.69 23.52 -5.97
C ARG D 61 -11.07 24.70 -6.66
N VAL D 62 -11.33 25.90 -6.15
CA VAL D 62 -10.76 27.08 -6.77
C VAL D 62 -9.27 27.11 -6.53
N GLU D 63 -8.82 26.55 -5.43
CA GLU D 63 -7.41 26.58 -5.19
C GLU D 63 -6.71 25.62 -6.11
N MET D 64 -7.24 24.40 -6.21
CA MET D 64 -6.66 23.40 -7.09
C MET D 64 -6.76 23.89 -8.54
N LEU D 65 -7.91 24.46 -8.89
CA LEU D 65 -8.10 24.96 -10.24
C LEU D 65 -7.02 25.95 -10.60
N LYS D 66 -6.73 26.85 -9.67
CA LYS D 66 -5.73 27.90 -9.86
C LYS D 66 -4.35 27.37 -10.12
N LEU D 67 -4.03 26.23 -9.53
CA LEU D 67 -2.72 25.67 -9.71
C LEU D 67 -2.60 25.10 -11.11
N ALA D 68 -3.54 24.24 -11.47
CA ALA D 68 -3.56 23.60 -12.78
C ALA D 68 -3.33 24.54 -13.99
N ILE D 69 -3.99 25.69 -13.97
CA ILE D 69 -3.89 26.60 -15.09
C ILE D 69 -2.94 27.78 -14.98
N GLN D 70 -2.03 27.79 -14.02
CA GLN D 70 -1.15 28.96 -13.91
C GLN D 70 -0.22 29.16 -15.06
N SER D 71 0.44 28.08 -15.44
CA SER D 71 1.42 28.11 -16.54
C SER D 71 0.89 28.39 -17.95
N ASN D 72 -0.43 28.49 -18.12
CA ASN D 72 -0.98 28.75 -19.44
C ASN D 72 -1.55 30.15 -19.47
N PRO D 73 -0.92 31.05 -20.22
CA PRO D 73 -1.30 32.44 -20.40
C PRO D 73 -2.70 32.61 -20.96
N SER D 74 -3.18 31.64 -21.73
CA SER D 74 -4.50 31.73 -22.32
C SER D 74 -5.61 31.15 -21.47
N PHE D 75 -5.28 30.59 -20.30
CA PHE D 75 -6.30 30.03 -19.41
C PHE D 75 -6.59 31.05 -18.35
N LYS D 76 -7.86 31.28 -18.06
CA LYS D 76 -8.21 32.28 -17.08
C LYS D 76 -9.31 31.80 -16.15
N LEU D 77 -9.24 32.23 -14.90
CA LEU D 77 -10.23 31.85 -13.91
C LEU D 77 -11.42 32.80 -13.99
N GLU D 78 -12.62 32.29 -13.74
CA GLU D 78 -13.83 33.10 -13.74
C GLU D 78 -14.69 32.66 -12.56
N LEU D 79 -14.72 33.49 -11.52
CA LEU D 79 -15.48 33.15 -10.34
C LEU D 79 -16.84 33.78 -10.30
N VAL D 80 -17.38 34.11 -11.45
CA VAL D 80 -18.69 34.73 -11.52
C VAL D 80 -19.74 33.90 -10.79
N GLU D 81 -19.73 32.58 -11.03
CA GLU D 81 -20.71 31.72 -10.39
C GLU D 81 -20.56 31.68 -8.86
N MET D 82 -19.36 31.99 -8.37
CA MET D 82 -19.05 32.01 -6.94
C MET D 82 -19.57 33.27 -6.28
N GLU D 83 -20.13 34.17 -7.08
CA GLU D 83 -20.59 35.44 -6.53
C GLU D 83 -22.08 35.55 -6.73
N ARG D 84 -22.77 34.97 -5.77
CA ARG D 84 -24.22 34.87 -5.71
C ARG D 84 -24.46 33.39 -5.37
N GLU D 85 -25.17 33.16 -4.28
CA GLU D 85 -25.45 31.82 -3.77
C GLU D 85 -26.30 30.90 -4.64
N GLY D 86 -26.74 29.82 -4.03
CA GLY D 86 -27.57 28.84 -4.69
C GLY D 86 -26.96 28.09 -5.86
N PRO D 87 -27.57 26.96 -6.24
CA PRO D 87 -27.20 26.04 -7.33
C PRO D 87 -26.87 26.79 -8.61
N SER D 88 -25.64 26.63 -9.05
CA SER D 88 -25.13 27.33 -10.24
C SER D 88 -25.69 26.84 -11.59
N TYR D 89 -26.86 27.36 -11.98
CA TYR D 89 -27.49 26.98 -13.25
C TYR D 89 -26.92 27.76 -14.44
N THR D 90 -26.37 27.04 -15.41
CA THR D 90 -25.75 27.67 -16.57
C THR D 90 -26.58 28.71 -17.29
N PHE D 91 -27.90 28.60 -17.20
CA PHE D 91 -28.74 29.60 -17.85
C PHE D 91 -28.53 30.91 -17.10
N ASP D 92 -28.91 30.94 -15.83
CA ASP D 92 -28.77 32.12 -14.99
C ASP D 92 -27.41 32.81 -15.20
N THR D 93 -26.35 32.03 -15.13
CA THR D 93 -25.00 32.55 -15.28
C THR D 93 -24.71 33.12 -16.68
N VAL D 94 -24.88 32.30 -17.71
CA VAL D 94 -24.64 32.76 -19.07
C VAL D 94 -25.46 34.02 -19.32
N SER D 95 -26.63 34.09 -18.70
CA SER D 95 -27.48 35.28 -18.83
C SER D 95 -26.60 36.44 -18.39
N LEU D 96 -26.31 36.45 -17.10
CA LEU D 96 -25.47 37.48 -16.50
C LEU D 96 -24.24 37.74 -17.39
N LEU D 97 -23.47 36.71 -17.69
CA LEU D 97 -22.30 36.89 -18.53
C LEU D 97 -22.59 37.69 -19.80
N LYS D 98 -23.58 37.27 -20.57
CA LYS D 98 -23.90 37.97 -21.81
C LYS D 98 -24.25 39.43 -21.55
N GLN D 99 -24.25 39.84 -20.29
CA GLN D 99 -24.57 41.21 -19.95
C GLN D 99 -23.33 42.01 -19.59
N ARG D 100 -22.44 41.38 -18.83
CA ARG D 100 -21.20 42.02 -18.43
C ARG D 100 -20.28 42.17 -19.62
N TYR D 101 -20.35 41.22 -20.54
CA TYR D 101 -19.50 41.25 -21.71
C TYR D 101 -20.35 41.19 -22.97
N PRO D 102 -20.85 42.35 -23.40
CA PRO D 102 -21.70 42.46 -24.59
C PRO D 102 -20.94 42.49 -25.90
N ASN D 103 -19.66 42.78 -25.85
CA ASN D 103 -18.90 42.87 -27.09
C ASN D 103 -17.96 41.71 -27.36
N ASP D 104 -18.00 40.70 -26.50
CA ASP D 104 -17.12 39.58 -26.72
C ASP D 104 -17.92 38.41 -27.24
N GLN D 105 -17.22 37.56 -27.98
CA GLN D 105 -17.83 36.39 -28.56
C GLN D 105 -17.74 35.25 -27.56
N LEU D 106 -18.88 34.73 -27.12
CA LEU D 106 -18.90 33.67 -26.13
C LEU D 106 -19.36 32.30 -26.58
N PHE D 107 -18.58 31.27 -26.24
CA PHE D 107 -18.95 29.91 -26.57
C PHE D 107 -18.88 29.09 -25.31
N PHE D 108 -19.77 28.13 -25.17
CA PHE D 108 -19.69 27.28 -24.00
C PHE D 108 -19.04 25.97 -24.45
N ILE D 109 -18.49 25.22 -23.50
CA ILE D 109 -17.84 23.97 -23.86
C ILE D 109 -18.17 22.80 -22.95
N ILE D 110 -18.49 21.67 -23.58
CA ILE D 110 -18.82 20.47 -22.83
C ILE D 110 -18.21 19.27 -23.51
N GLY D 111 -18.06 18.20 -22.75
CA GLY D 111 -17.53 16.98 -23.31
C GLY D 111 -18.66 15.99 -23.53
N ALA D 112 -18.40 14.96 -24.31
CA ALA D 112 -19.40 13.93 -24.61
C ALA D 112 -20.20 13.60 -23.38
N ASP D 113 -19.53 13.68 -22.25
CA ASP D 113 -20.13 13.44 -20.94
C ASP D 113 -21.41 14.26 -20.81
N MET D 114 -21.23 15.57 -20.73
CA MET D 114 -22.32 16.49 -20.60
C MET D 114 -23.30 16.45 -21.75
N ILE D 115 -22.79 16.29 -22.96
CA ILE D 115 -23.63 16.25 -24.15
C ILE D 115 -24.83 15.32 -23.98
N GLU D 116 -24.54 14.10 -23.51
CA GLU D 116 -25.56 13.07 -23.27
C GLU D 116 -26.57 13.62 -22.26
N TYR D 117 -26.07 14.46 -21.37
CA TYR D 117 -26.86 15.05 -20.30
C TYR D 117 -27.66 16.32 -20.67
N LEU D 118 -27.47 16.84 -21.88
CA LEU D 118 -28.20 18.05 -22.26
C LEU D 118 -29.67 18.07 -21.84
N PRO D 119 -30.41 17.00 -22.14
CA PRO D 119 -31.82 16.99 -21.75
C PRO D 119 -32.05 17.31 -20.28
N LYS D 120 -31.60 16.47 -19.36
CA LYS D 120 -31.77 16.78 -17.93
C LYS D 120 -30.80 17.93 -17.74
N TRP D 121 -31.28 19.16 -17.88
CA TRP D 121 -30.40 20.32 -17.79
C TRP D 121 -31.26 21.58 -17.77
N TYR D 122 -31.34 22.22 -16.60
CA TYR D 122 -32.15 23.41 -16.41
C TYR D 122 -32.18 24.48 -17.48
N LYS D 123 -33.31 24.56 -18.19
CA LYS D 123 -33.54 25.53 -19.24
C LYS D 123 -32.68 25.48 -20.48
N LEU D 124 -32.27 24.28 -20.88
CA LEU D 124 -31.42 24.15 -22.06
C LEU D 124 -31.94 24.93 -23.26
N ASP D 125 -33.20 24.69 -23.61
CA ASP D 125 -33.81 25.35 -24.75
C ASP D 125 -33.61 26.86 -24.80
N GLU D 126 -33.65 27.53 -23.66
CA GLU D 126 -33.47 28.98 -23.62
C GLU D 126 -31.98 29.31 -23.63
N LEU D 127 -31.18 28.45 -23.00
CA LEU D 127 -29.74 28.64 -22.93
C LEU D 127 -29.18 28.51 -24.32
N LEU D 128 -29.58 27.44 -25.01
CA LEU D 128 -29.12 27.19 -26.37
C LEU D 128 -29.34 28.41 -27.25
N ASN D 129 -30.31 29.21 -26.87
CA ASN D 129 -30.62 30.41 -27.61
C ASN D 129 -29.57 31.47 -27.29
N LEU D 130 -29.15 31.52 -26.02
CA LEU D 130 -28.18 32.50 -25.55
C LEU D 130 -26.75 32.36 -26.09
N ILE D 131 -26.19 31.16 -26.02
CA ILE D 131 -24.81 30.96 -26.44
C ILE D 131 -24.64 29.64 -27.16
N GLN D 132 -23.57 29.55 -27.96
CA GLN D 132 -23.27 28.34 -28.74
C GLN D 132 -22.38 27.40 -27.96
N PHE D 133 -22.70 26.12 -28.02
CA PHE D 133 -21.92 25.12 -27.34
C PHE D 133 -20.84 24.57 -28.27
N ILE D 134 -19.80 24.00 -27.70
CA ILE D 134 -18.76 23.38 -28.50
C ILE D 134 -18.56 22.04 -27.82
N GLY D 135 -18.76 20.96 -28.56
CA GLY D 135 -18.63 19.64 -28.00
C GLY D 135 -17.28 19.04 -28.30
N VAL D 136 -16.82 18.17 -27.42
CA VAL D 136 -15.53 17.57 -27.63
C VAL D 136 -15.59 16.08 -27.98
N LYS D 137 -15.78 15.24 -26.97
CA LYS D 137 -15.87 13.78 -27.10
C LYS D 137 -14.91 13.17 -26.09
N ARG D 138 -15.48 12.53 -25.07
CA ARG D 138 -14.68 11.91 -24.03
C ARG D 138 -14.80 10.41 -24.18
N PRO D 139 -13.70 9.67 -23.91
CA PRO D 139 -13.78 8.22 -24.04
C PRO D 139 -14.66 7.63 -22.95
N GLY D 140 -15.58 6.76 -23.34
CA GLY D 140 -16.48 6.14 -22.38
C GLY D 140 -17.90 6.57 -22.61
N PHE D 141 -18.04 7.81 -23.04
CA PHE D 141 -19.34 8.39 -23.35
C PHE D 141 -19.33 8.59 -24.84
N HIS D 142 -20.40 9.19 -25.36
CA HIS D 142 -20.43 9.46 -26.79
C HIS D 142 -21.55 10.42 -27.21
N VAL D 143 -21.16 11.31 -28.11
CA VAL D 143 -22.00 12.36 -28.67
C VAL D 143 -23.00 11.86 -29.72
N GLU D 144 -24.15 12.52 -29.79
CA GLU D 144 -25.20 12.13 -30.75
C GLU D 144 -26.37 13.11 -30.74
N THR D 145 -26.49 13.89 -29.66
CA THR D 145 -27.56 14.88 -29.45
C THR D 145 -28.34 15.44 -30.63
N PRO D 146 -29.60 15.80 -30.38
CA PRO D 146 -30.56 16.36 -31.31
C PRO D 146 -30.60 17.87 -31.09
N TYR D 147 -29.54 18.40 -30.49
CA TYR D 147 -29.45 19.83 -30.20
C TYR D 147 -28.38 20.47 -31.10
N PRO D 148 -28.45 21.79 -31.30
CA PRO D 148 -27.50 22.55 -32.13
C PRO D 148 -26.13 22.66 -31.43
N LEU D 149 -25.17 21.87 -31.89
CA LEU D 149 -23.88 21.86 -31.25
C LEU D 149 -22.77 21.74 -32.28
N LEU D 150 -21.64 22.39 -32.02
CA LEU D 150 -20.48 22.34 -32.93
C LEU D 150 -19.44 21.42 -32.35
N PHE D 151 -18.60 20.83 -33.21
CA PHE D 151 -17.61 19.92 -32.71
C PHE D 151 -16.17 20.32 -32.91
N ALA D 152 -15.35 19.92 -31.96
CA ALA D 152 -13.94 20.22 -31.99
C ALA D 152 -13.16 18.94 -31.74
N ASP D 153 -12.42 18.50 -32.74
CA ASP D 153 -11.64 17.27 -32.57
C ASP D 153 -10.65 17.42 -31.45
N VAL D 154 -10.68 16.48 -30.53
CA VAL D 154 -9.78 16.53 -29.40
C VAL D 154 -9.40 15.15 -28.92
N PRO D 155 -8.11 14.83 -28.95
CA PRO D 155 -7.52 13.56 -28.55
C PRO D 155 -8.22 12.99 -27.35
N GLU D 156 -8.64 11.74 -27.47
CA GLU D 156 -9.32 11.07 -26.38
C GLU D 156 -8.35 10.81 -25.23
N PHE D 157 -8.76 11.20 -24.04
CA PHE D 157 -7.94 11.02 -22.84
C PHE D 157 -8.87 10.51 -21.74
N GLU D 158 -8.84 9.22 -21.50
CA GLU D 158 -9.71 8.62 -20.51
C GLU D 158 -9.30 8.96 -19.09
N VAL D 159 -9.71 10.11 -18.58
CA VAL D 159 -9.37 10.48 -17.21
C VAL D 159 -10.41 11.39 -16.60
N SER D 160 -10.97 10.97 -15.48
CA SER D 160 -12.00 11.76 -14.79
C SER D 160 -11.60 12.07 -13.36
N SER D 161 -12.20 13.09 -12.79
CA SER D 161 -11.89 13.44 -11.41
C SER D 161 -12.29 12.28 -10.47
N THR D 162 -13.44 11.65 -10.75
CA THR D 162 -13.92 10.53 -9.95
C THR D 162 -12.92 9.37 -9.99
N MET D 163 -12.06 9.38 -11.01
CA MET D 163 -11.00 8.38 -11.15
C MET D 163 -10.01 8.77 -10.05
N ILE D 164 -9.48 9.98 -10.21
CA ILE D 164 -8.54 10.52 -9.26
C ILE D 164 -8.99 10.35 -7.80
N ARG D 165 -10.20 10.81 -7.50
CA ARG D 165 -10.68 10.69 -6.13
C ARG D 165 -10.49 9.29 -5.59
N GLU D 166 -10.94 8.29 -6.35
CA GLU D 166 -10.81 6.91 -5.91
C GLU D 166 -9.34 6.51 -5.85
N ARG D 167 -8.59 7.00 -6.83
CA ARG D 167 -7.17 6.73 -6.95
C ARG D 167 -6.55 7.27 -5.66
N PHE D 168 -6.84 8.53 -5.38
CA PHE D 168 -6.38 9.23 -4.17
C PHE D 168 -7.08 8.68 -2.95
N LYS D 169 -7.25 7.37 -2.87
CA LYS D 169 -7.95 6.81 -1.74
C LYS D 169 -8.06 5.36 -2.07
N SER D 170 -6.93 4.70 -1.98
CA SER D 170 -6.75 3.28 -2.28
C SER D 170 -5.36 3.44 -2.88
N LYS D 171 -4.78 4.58 -2.52
CA LYS D 171 -3.47 5.00 -2.94
C LYS D 171 -2.97 4.37 -4.21
N LYS D 172 -3.53 4.82 -5.33
CA LYS D 172 -3.10 4.38 -6.65
C LYS D 172 -2.38 5.61 -7.26
N PRO D 173 -1.54 5.42 -8.28
CA PRO D 173 -0.72 6.36 -9.03
C PRO D 173 -1.01 7.84 -9.14
N THR D 174 -2.11 8.21 -9.79
CA THR D 174 -2.45 9.62 -9.96
C THR D 174 -1.40 10.45 -10.71
N ASP D 175 -0.19 9.94 -10.87
CA ASP D 175 0.85 10.67 -11.57
C ASP D 175 0.55 10.74 -13.05
N TYR D 176 0.78 11.89 -13.64
CA TYR D 176 0.53 12.09 -15.06
C TYR D 176 -0.96 12.25 -15.41
N LEU D 177 -1.82 12.26 -14.39
CA LEU D 177 -3.25 12.44 -14.60
C LEU D 177 -3.64 13.84 -14.10
N ILE D 178 -2.93 14.32 -13.08
CA ILE D 178 -3.20 15.65 -12.53
C ILE D 178 -1.90 16.39 -12.34
N PRO D 179 -1.88 17.72 -12.59
CA PRO D 179 -0.64 18.49 -12.42
C PRO D 179 0.00 18.04 -11.13
N ASP D 180 1.32 18.05 -11.06
CA ASP D 180 1.95 17.62 -9.84
C ASP D 180 1.66 18.63 -8.75
N LYS D 181 1.29 19.85 -9.14
CA LYS D 181 0.99 20.89 -8.16
C LYS D 181 -0.35 20.58 -7.58
N VAL D 182 -1.21 19.96 -8.37
CA VAL D 182 -2.53 19.64 -7.90
C VAL D 182 -2.49 18.48 -6.91
N LYS D 183 -1.57 17.55 -7.12
CA LYS D 183 -1.44 16.39 -6.24
C LYS D 183 -1.00 16.87 -4.87
N LYS D 184 -0.04 17.78 -4.87
CA LYS D 184 0.46 18.28 -3.62
C LYS D 184 -0.66 18.94 -2.83
N TYR D 185 -1.38 19.88 -3.45
CA TYR D 185 -2.45 20.55 -2.74
C TYR D 185 -3.31 19.50 -2.04
N VAL D 186 -3.77 18.51 -2.78
CA VAL D 186 -4.62 17.47 -2.20
C VAL D 186 -3.97 16.86 -0.97
N GLU D 187 -2.76 16.37 -1.16
CA GLU D 187 -2.03 15.74 -0.07
C GLU D 187 -1.88 16.68 1.11
N GLU D 188 -1.42 17.88 0.84
CA GLU D 188 -1.23 18.79 1.92
C GLU D 188 -2.52 19.10 2.62
N ASN D 189 -3.55 19.50 1.86
CA ASN D 189 -4.82 19.89 2.47
C ASN D 189 -5.77 18.75 2.88
N GLY D 190 -5.22 17.55 2.99
CA GLY D 190 -5.98 16.37 3.40
C GLY D 190 -7.20 15.95 2.58
N LEU D 191 -7.25 16.37 1.32
CA LEU D 191 -8.40 16.06 0.45
C LEU D 191 -8.43 14.61 0.05
N TYR D 192 -9.58 14.20 -0.49
CA TYR D 192 -9.85 12.83 -0.99
C TYR D 192 -9.24 11.60 -0.29
N LYS E 7 21.20 -1.19 18.95
CA LYS E 7 21.80 -0.46 20.12
C LYS E 7 20.90 0.70 20.60
N LYS E 8 20.06 0.41 21.59
CA LYS E 8 19.13 1.39 22.15
C LYS E 8 19.85 2.56 22.84
N ILE E 9 19.81 3.72 22.19
CA ILE E 9 20.48 4.88 22.73
C ILE E 9 19.56 6.05 23.04
N GLY E 10 19.85 6.74 24.14
CA GLY E 10 19.05 7.88 24.51
C GLY E 10 19.85 9.17 24.48
N ILE E 11 19.60 10.00 23.47
CA ILE E 11 20.30 11.26 23.35
C ILE E 11 19.82 12.20 24.43
N PHE E 12 20.75 12.68 25.26
CA PHE E 12 20.41 13.59 26.35
C PHE E 12 21.09 14.93 26.14
N GLY E 13 20.47 15.78 25.34
CA GLY E 13 21.02 17.09 25.04
C GLY E 13 20.84 18.11 26.14
N GLY E 14 21.82 19.00 26.29
CA GLY E 14 21.76 20.04 27.30
C GLY E 14 22.95 20.98 27.22
N THR E 15 22.80 22.20 27.73
CA THR E 15 23.89 23.15 27.70
C THR E 15 24.85 22.77 28.82
N PHE E 16 24.31 22.13 29.86
CA PHE E 16 25.11 21.69 31.01
C PHE E 16 25.98 22.83 31.54
N ASP E 17 25.35 23.92 31.93
CA ASP E 17 26.07 25.09 32.44
C ASP E 17 25.67 25.50 33.85
N PRO E 18 26.15 24.77 34.86
CA PRO E 18 27.03 23.61 34.70
C PRO E 18 26.24 22.31 34.78
N PRO E 19 26.93 21.19 34.64
CA PRO E 19 26.26 19.89 34.71
C PRO E 19 26.05 19.59 36.20
N HIS E 20 24.92 19.00 36.58
CA HIS E 20 24.72 18.67 38.00
C HIS E 20 24.16 17.28 38.25
N ASN E 21 24.05 16.92 39.52
CA ASN E 21 23.53 15.60 39.91
C ASN E 21 22.12 15.39 39.35
N GLY E 22 21.33 16.45 39.30
CA GLY E 22 20.00 16.32 38.74
C GLY E 22 20.14 15.57 37.43
N HIS E 23 20.97 16.11 36.54
CA HIS E 23 21.22 15.51 35.23
C HIS E 23 21.60 14.06 35.38
N LEU E 24 22.65 13.83 36.14
CA LEU E 24 23.17 12.49 36.38
C LEU E 24 22.10 11.48 36.81
N LEU E 25 21.21 11.91 37.69
CA LEU E 25 20.15 11.04 38.19
C LEU E 25 19.11 10.71 37.13
N MET E 26 18.59 11.73 36.45
CA MET E 26 17.58 11.50 35.42
C MET E 26 18.09 10.54 34.38
N ALA E 27 19.25 10.85 33.82
CA ALA E 27 19.84 10.00 32.82
C ALA E 27 20.02 8.56 33.30
N ASN E 28 20.60 8.36 34.48
CA ASN E 28 20.80 7.01 34.96
C ASN E 28 19.49 6.29 35.22
N GLU E 29 18.45 7.06 35.50
CA GLU E 29 17.14 6.48 35.77
C GLU E 29 16.46 6.15 34.46
N VAL E 30 16.43 7.10 33.53
CA VAL E 30 15.82 6.85 32.22
C VAL E 30 16.51 5.63 31.66
N LEU E 31 17.84 5.63 31.72
CA LEU E 31 18.63 4.51 31.20
C LEU E 31 17.97 3.17 31.51
N TYR E 32 17.60 3.00 32.77
CA TYR E 32 16.94 1.78 33.22
C TYR E 32 15.49 1.74 32.75
N GLN E 33 14.69 2.64 33.31
CA GLN E 33 13.27 2.72 33.00
C GLN E 33 12.96 2.55 31.52
N ALA E 34 13.72 3.22 30.66
CA ALA E 34 13.49 3.13 29.22
C ALA E 34 14.30 2.02 28.56
N GLY E 35 14.85 1.12 29.37
CA GLY E 35 15.62 0.01 28.84
C GLY E 35 16.67 0.32 27.79
N LEU E 36 17.35 1.44 27.92
CA LEU E 36 18.39 1.83 26.97
C LEU E 36 19.73 1.14 27.27
N ASP E 37 20.64 1.19 26.29
CA ASP E 37 21.98 0.58 26.43
C ASP E 37 23.00 1.62 26.90
N GLU E 38 22.80 2.87 26.50
CA GLU E 38 23.68 3.96 26.89
C GLU E 38 23.02 5.30 26.67
N ILE E 39 23.32 6.25 27.54
CA ILE E 39 22.78 7.60 27.45
C ILE E 39 23.93 8.46 26.93
N TRP E 40 23.62 9.33 25.97
CA TRP E 40 24.66 10.20 25.39
C TRP E 40 24.42 11.65 25.77
N PHE E 41 25.37 12.23 26.49
CA PHE E 41 25.23 13.62 26.89
C PHE E 41 25.73 14.48 25.74
N MET E 42 24.78 15.14 25.09
CA MET E 42 25.10 16.00 23.96
C MET E 42 25.00 17.47 24.32
N PRO E 43 26.16 18.13 24.49
CA PRO E 43 26.29 19.54 24.84
C PRO E 43 26.12 20.44 23.61
N ASN E 44 25.48 21.59 23.80
CA ASN E 44 25.28 22.53 22.69
C ASN E 44 26.56 23.30 22.38
N GLN E 45 26.67 23.82 21.16
CA GLN E 45 27.83 24.62 20.80
C GLN E 45 27.46 26.03 21.25
N ILE E 46 26.18 26.32 21.07
CA ILE E 46 25.58 27.59 21.44
C ILE E 46 24.08 27.33 21.60
N ASP E 57 31.38 29.70 27.70
CA ASP E 57 32.30 29.53 26.57
C ASP E 57 32.31 28.13 25.93
N SER E 58 31.57 27.17 26.48
CA SER E 58 31.53 25.81 25.92
C SER E 58 32.65 24.85 26.31
N PHE E 59 33.89 25.28 26.11
CA PHE E 59 35.03 24.44 26.45
C PHE E 59 34.98 24.03 27.92
N HIS E 60 34.43 24.91 28.75
CA HIS E 60 34.32 24.63 30.19
C HIS E 60 33.12 23.74 30.48
N ARG E 61 32.11 23.84 29.63
CA ARG E 61 30.93 23.04 29.78
C ARG E 61 31.31 21.60 29.41
N VAL E 62 32.08 21.46 28.33
CA VAL E 62 32.53 20.14 27.88
C VAL E 62 33.54 19.53 28.83
N GLU E 63 34.26 20.38 29.55
CA GLU E 63 35.27 19.91 30.50
C GLU E 63 34.62 19.33 31.74
N MET E 64 33.66 20.04 32.32
CA MET E 64 32.96 19.53 33.49
C MET E 64 32.50 18.16 32.99
N LEU E 65 31.56 18.13 32.06
CA LEU E 65 31.15 16.86 31.47
C LEU E 65 32.47 16.16 31.07
N LYS E 66 32.53 14.84 31.27
CA LYS E 66 33.69 13.97 31.00
C LYS E 66 33.98 13.43 32.40
N LEU E 67 33.39 14.14 33.36
CA LEU E 67 33.42 13.83 34.78
C LEU E 67 31.91 13.75 34.98
N ALA E 68 31.47 13.13 36.06
CA ALA E 68 30.03 12.95 36.28
C ALA E 68 29.69 11.74 35.42
N ILE E 69 30.03 11.80 34.14
CA ILE E 69 29.78 10.70 33.22
C ILE E 69 31.08 9.95 33.08
N GLN E 70 32.06 10.36 33.86
CA GLN E 70 33.38 9.72 33.85
C GLN E 70 33.27 8.42 34.62
N SER E 71 32.61 8.51 35.76
CA SER E 71 32.42 7.37 36.64
C SER E 71 31.37 6.40 36.13
N ASN E 72 30.52 6.86 35.22
CA ASN E 72 29.45 5.99 34.69
C ASN E 72 29.78 5.42 33.32
N PRO E 73 29.98 4.09 33.26
CA PRO E 73 30.31 3.36 32.02
C PRO E 73 29.23 3.54 30.94
N SER E 74 27.98 3.62 31.38
CA SER E 74 26.86 3.77 30.48
C SER E 74 26.63 5.20 30.00
N PHE E 75 27.46 6.13 30.49
CA PHE E 75 27.36 7.52 30.09
C PHE E 75 28.47 7.83 29.08
N LYS E 76 28.09 8.44 27.96
CA LYS E 76 29.06 8.78 26.93
C LYS E 76 28.87 10.18 26.41
N LEU E 77 29.99 10.85 26.14
CA LEU E 77 29.95 12.21 25.63
C LEU E 77 29.74 12.07 24.13
N GLU E 78 29.27 13.14 23.50
CA GLU E 78 29.03 13.18 22.06
C GLU E 78 29.05 14.65 21.68
N LEU E 79 30.14 15.07 21.05
CA LEU E 79 30.31 16.46 20.65
C LEU E 79 29.89 16.75 19.22
N VAL E 80 28.87 16.05 18.74
CA VAL E 80 28.39 16.24 17.39
C VAL E 80 27.88 17.66 17.11
N GLU E 81 27.27 18.30 18.10
CA GLU E 81 26.77 19.65 17.89
C GLU E 81 27.90 20.67 17.97
N MET E 82 29.00 20.25 18.59
CA MET E 82 30.19 21.10 18.76
C MET E 82 31.02 21.06 17.50
N GLU E 83 30.61 20.19 16.58
CA GLU E 83 31.28 19.95 15.31
C GLU E 83 30.86 20.98 14.26
N ARG E 84 29.84 21.77 14.59
CA ARG E 84 29.31 22.76 13.67
C ARG E 84 29.82 24.17 13.84
N GLU E 85 28.87 25.10 13.87
CA GLU E 85 29.15 26.53 14.01
C GLU E 85 27.82 27.23 13.71
N GLY E 86 27.21 27.82 14.73
CA GLY E 86 25.92 28.47 14.57
C GLY E 86 25.03 27.92 15.67
N PRO E 87 23.73 28.28 15.73
CA PRO E 87 22.82 27.79 16.76
C PRO E 87 22.53 26.28 16.69
N SER E 88 22.67 25.58 17.81
CA SER E 88 22.43 24.14 17.86
C SER E 88 20.95 23.77 17.97
N TYR E 89 20.34 23.57 16.81
CA TYR E 89 18.93 23.21 16.69
C TYR E 89 18.77 21.70 16.65
N THR E 90 17.96 21.18 17.55
CA THR E 90 17.76 19.75 17.65
C THR E 90 17.37 19.10 16.34
N PHE E 91 16.51 19.76 15.57
CA PHE E 91 16.12 19.15 14.30
C PHE E 91 17.35 18.82 13.48
N ASP E 92 18.14 19.84 13.17
CA ASP E 92 19.35 19.67 12.35
C ASP E 92 20.25 18.58 12.89
N THR E 93 20.46 18.58 14.21
CA THR E 93 21.32 17.59 14.83
C THR E 93 20.76 16.19 14.71
N VAL E 94 19.50 16.03 15.13
CA VAL E 94 18.86 14.73 15.06
C VAL E 94 18.98 14.27 13.62
N SER E 95 18.71 15.18 12.69
CA SER E 95 18.80 14.85 11.27
C SER E 95 20.12 14.17 11.00
N LEU E 96 21.21 14.88 11.27
CA LEU E 96 22.55 14.34 11.04
C LEU E 96 22.78 13.03 11.79
N LEU E 97 22.38 13.00 13.05
CA LEU E 97 22.56 11.83 13.88
C LEU E 97 21.97 10.53 13.34
N LYS E 98 20.70 10.57 12.92
CA LYS E 98 20.04 9.39 12.39
C LYS E 98 20.78 8.86 11.17
N GLN E 99 21.50 9.75 10.51
CA GLN E 99 22.27 9.40 9.33
C GLN E 99 23.55 8.67 9.71
N ARG E 100 24.23 9.17 10.74
CA ARG E 100 25.46 8.55 11.22
C ARG E 100 25.20 7.18 11.82
N TYR E 101 24.11 7.06 12.56
CA TYR E 101 23.75 5.80 13.19
C TYR E 101 22.38 5.36 12.70
N PRO E 102 22.32 4.75 11.51
CA PRO E 102 21.05 4.29 10.95
C PRO E 102 20.56 2.96 11.52
N ASN E 103 21.44 2.22 12.19
CA ASN E 103 21.04 0.93 12.77
C ASN E 103 20.82 0.96 14.28
N ASP E 104 20.89 2.16 14.86
CA ASP E 104 20.70 2.33 16.30
C ASP E 104 19.42 3.08 16.64
N GLN E 105 18.70 2.51 17.59
CA GLN E 105 17.44 3.07 18.08
C GLN E 105 17.77 4.35 18.83
N LEU E 106 17.25 5.48 18.35
CA LEU E 106 17.52 6.76 19.01
C LEU E 106 16.30 7.39 19.68
N PHE E 107 16.49 7.89 20.90
CA PHE E 107 15.40 8.55 21.61
C PHE E 107 15.94 9.88 22.13
N PHE E 108 15.04 10.81 22.39
CA PHE E 108 15.49 12.09 22.93
C PHE E 108 14.91 12.24 24.34
N ILE E 109 15.68 12.86 25.23
CA ILE E 109 15.25 12.99 26.62
C ILE E 109 15.16 14.42 27.13
N ILE E 110 13.98 14.81 27.56
CA ILE E 110 13.75 16.16 28.10
C ILE E 110 13.00 16.07 29.42
N GLY E 111 13.09 17.12 30.22
CA GLY E 111 12.43 17.14 31.51
C GLY E 111 11.20 18.00 31.49
N ALA E 112 10.39 17.92 32.53
CA ALA E 112 9.14 18.70 32.62
C ALA E 112 9.34 20.17 32.27
N ASP E 113 10.60 20.62 32.34
CA ASP E 113 10.97 22.00 32.03
C ASP E 113 10.78 22.26 30.54
N MET E 114 11.56 21.55 29.74
CA MET E 114 11.52 21.65 28.29
C MET E 114 10.17 21.21 27.73
N ILE E 115 9.62 20.15 28.30
CA ILE E 115 8.33 19.67 27.84
C ILE E 115 7.37 20.86 27.73
N GLU E 116 7.43 21.77 28.70
CA GLU E 116 6.58 22.96 28.69
C GLU E 116 6.98 23.82 27.51
N TYR E 117 8.25 23.74 27.17
CA TYR E 117 8.84 24.52 26.10
C TYR E 117 8.66 23.99 24.67
N LEU E 118 8.24 22.73 24.51
CA LEU E 118 8.08 22.18 23.18
C LEU E 118 7.51 23.15 22.14
N PRO E 119 6.38 23.83 22.42
CA PRO E 119 5.85 24.78 21.43
C PRO E 119 6.93 25.71 20.90
N LYS E 120 7.55 26.47 21.78
CA LYS E 120 8.64 27.35 21.39
C LYS E 120 9.80 26.38 21.21
N TRP E 121 10.12 26.04 19.98
CA TRP E 121 11.17 25.06 19.72
C TRP E 121 11.19 25.03 18.19
N TYR E 122 12.38 25.07 17.61
CA TYR E 122 12.54 25.08 16.16
C TYR E 122 12.23 23.79 15.41
N LYS E 123 11.12 23.78 14.69
CA LYS E 123 10.68 22.62 13.89
C LYS E 123 10.27 21.37 14.66
N LEU E 124 9.56 21.54 15.77
CA LEU E 124 9.16 20.38 16.56
C LEU E 124 8.43 19.35 15.71
N ASP E 125 7.41 19.80 15.00
CA ASP E 125 6.61 18.92 14.18
C ASP E 125 7.40 17.99 13.24
N GLU E 126 8.55 18.46 12.77
CA GLU E 126 9.37 17.67 11.86
C GLU E 126 10.33 16.77 12.64
N LEU E 127 10.75 17.27 13.79
CA LEU E 127 11.68 16.56 14.66
C LEU E 127 10.98 15.37 15.28
N LEU E 128 9.78 15.62 15.81
CA LEU E 128 9.00 14.58 16.45
C LEU E 128 8.86 13.39 15.52
N ASN E 129 8.81 13.70 14.23
CA ASN E 129 8.69 12.68 13.20
C ASN E 129 9.99 11.89 13.10
N LEU E 130 11.10 12.56 13.40
CA LEU E 130 12.42 11.93 13.33
C LEU E 130 12.77 11.04 14.52
N ILE E 131 12.54 11.55 15.73
CA ILE E 131 12.87 10.78 16.92
C ILE E 131 11.76 10.84 17.99
N GLN E 132 11.71 9.80 18.80
CA GLN E 132 10.74 9.67 19.89
C GLN E 132 11.23 10.34 21.17
N PHE E 133 10.39 11.18 21.75
CA PHE E 133 10.76 11.88 22.97
C PHE E 133 10.47 11.09 24.24
N ILE E 134 11.26 11.32 25.27
CA ILE E 134 11.08 10.68 26.56
C ILE E 134 11.11 11.77 27.61
N GLY E 135 10.02 11.89 28.35
CA GLY E 135 9.90 12.91 29.38
C GLY E 135 10.18 12.29 30.74
N VAL E 136 10.53 13.13 31.71
CA VAL E 136 10.83 12.64 33.04
C VAL E 136 9.88 13.27 34.05
N LYS E 137 10.04 14.57 34.23
CA LYS E 137 9.27 15.40 35.16
C LYS E 137 10.20 15.96 36.23
N ARG E 138 10.36 17.28 36.21
CA ARG E 138 11.21 17.96 37.18
C ARG E 138 10.36 18.72 38.19
N PRO E 139 10.87 18.89 39.43
CA PRO E 139 10.12 19.60 40.48
C PRO E 139 10.08 21.10 40.18
N GLY E 140 8.89 21.67 40.18
CA GLY E 140 8.75 23.10 39.90
C GLY E 140 8.04 23.31 38.58
N PHE E 141 8.28 22.40 37.65
CA PHE E 141 7.64 22.47 36.34
C PHE E 141 6.64 21.36 36.28
N HIS E 142 5.95 21.21 35.15
CA HIS E 142 4.97 20.15 35.06
C HIS E 142 4.63 19.75 33.63
N VAL E 143 4.56 18.45 33.42
CA VAL E 143 4.27 17.82 32.14
C VAL E 143 2.78 17.76 31.83
N GLU E 144 2.40 18.11 30.60
CA GLU E 144 1.00 18.09 30.19
C GLU E 144 0.83 18.07 28.67
N THR E 145 1.87 18.52 27.98
CA THR E 145 1.89 18.61 26.54
C THR E 145 0.86 17.89 25.67
N PRO E 146 0.60 18.42 24.47
CA PRO E 146 -0.34 17.88 23.49
C PRO E 146 0.53 17.26 22.38
N TYR E 147 1.72 16.78 22.75
CA TYR E 147 2.65 16.20 21.79
C TYR E 147 2.96 14.75 22.14
N PRO E 148 3.38 13.97 21.14
CA PRO E 148 3.71 12.56 21.37
C PRO E 148 4.96 12.45 22.22
N LEU E 149 4.82 11.92 23.42
CA LEU E 149 5.94 11.79 24.32
C LEU E 149 5.72 10.58 25.19
N LEU E 150 6.78 9.88 25.54
CA LEU E 150 6.66 8.72 26.42
C LEU E 150 7.24 9.15 27.75
N PHE E 151 6.85 8.54 28.85
CA PHE E 151 7.37 8.95 30.14
C PHE E 151 8.11 7.88 30.89
N ALA E 152 8.91 8.33 31.85
CA ALA E 152 9.69 7.44 32.68
C ALA E 152 9.62 7.98 34.10
N ASP E 153 9.30 7.12 35.05
CA ASP E 153 9.23 7.53 36.43
C ASP E 153 10.63 7.78 36.95
N VAL E 154 10.86 9.00 37.42
CA VAL E 154 12.16 9.35 37.94
C VAL E 154 11.99 10.24 39.16
N PRO E 155 12.59 9.84 40.29
CA PRO E 155 12.53 10.58 41.55
C PRO E 155 12.76 12.06 41.32
N GLU E 156 11.80 12.89 41.69
CA GLU E 156 11.93 14.33 41.53
C GLU E 156 13.13 14.81 42.34
N PHE E 157 13.91 15.73 41.77
CA PHE E 157 15.10 16.29 42.43
C PHE E 157 15.19 17.76 42.02
N GLU E 158 14.76 18.64 42.93
CA GLU E 158 14.75 20.07 42.67
C GLU E 158 16.12 20.70 42.60
N VAL E 159 16.80 20.53 41.47
CA VAL E 159 18.13 21.09 41.30
C VAL E 159 18.40 21.53 39.87
N SER E 160 18.68 22.82 39.70
CA SER E 160 18.97 23.37 38.38
C SER E 160 20.33 24.04 38.41
N SER E 161 20.95 24.21 37.24
CA SER E 161 22.25 24.85 37.20
C SER E 161 22.12 26.30 37.70
N THR E 162 21.08 26.99 37.25
CA THR E 162 20.84 28.39 37.64
C THR E 162 20.66 28.56 39.14
N MET E 163 20.73 27.44 39.85
CA MET E 163 20.63 27.43 41.30
C MET E 163 22.09 27.50 41.69
N ILE E 164 22.85 26.55 41.14
CA ILE E 164 24.28 26.45 41.38
C ILE E 164 24.97 27.78 41.08
N ARG E 165 24.79 28.27 39.87
CA ARG E 165 25.41 29.53 39.47
C ARG E 165 25.25 30.63 40.52
N GLU E 166 24.02 30.81 41.02
CA GLU E 166 23.76 31.81 42.03
C GLU E 166 24.33 31.34 43.37
N ARG E 167 24.34 30.03 43.56
CA ARG E 167 24.89 29.42 44.76
C ARG E 167 26.38 29.73 44.69
N PHE E 168 26.95 29.49 43.51
CA PHE E 168 28.37 29.71 43.21
C PHE E 168 28.66 31.21 43.02
N LYS E 169 27.86 32.05 43.66
CA LYS E 169 28.00 33.51 43.57
C LYS E 169 27.03 34.06 44.61
N SER E 170 27.50 34.11 45.85
CA SER E 170 26.77 34.55 47.04
C SER E 170 27.16 33.40 47.95
N LYS E 171 28.21 32.73 47.51
CA LYS E 171 28.81 31.57 48.15
C LYS E 171 27.90 30.77 49.06
N LYS E 172 27.05 29.95 48.44
CA LYS E 172 26.15 29.09 49.19
C LYS E 172 26.65 27.66 48.99
N PRO E 173 26.19 26.73 49.84
CA PRO E 173 26.54 25.31 49.85
C PRO E 173 27.05 24.63 48.58
N THR E 174 26.16 24.44 47.60
CA THR E 174 26.47 23.76 46.34
C THR E 174 26.96 22.33 46.52
N ASP E 175 27.12 21.89 47.77
CA ASP E 175 27.58 20.52 48.02
C ASP E 175 26.41 19.56 47.91
N TYR E 176 26.67 18.40 47.30
CA TYR E 176 25.65 17.38 47.12
C TYR E 176 24.62 17.76 46.05
N LEU E 177 24.97 18.74 45.22
CA LEU E 177 24.11 19.18 44.13
C LEU E 177 24.83 18.92 42.82
N ILE E 178 26.15 19.05 42.86
CA ILE E 178 27.03 18.83 41.71
C ILE E 178 28.18 18.01 42.22
N PRO E 179 28.78 17.16 41.36
CA PRO E 179 29.92 16.33 41.78
C PRO E 179 30.99 17.17 42.44
N ASP E 180 31.85 16.55 43.24
CA ASP E 180 32.91 17.28 43.91
C ASP E 180 33.96 17.61 42.86
N LYS E 181 33.89 16.91 41.73
CA LYS E 181 34.85 17.15 40.66
C LYS E 181 34.49 18.37 39.82
N VAL E 182 33.19 18.67 39.72
CA VAL E 182 32.75 19.82 38.96
C VAL E 182 32.86 21.07 39.81
N LYS E 183 32.63 20.93 41.10
CA LYS E 183 32.74 22.07 41.99
C LYS E 183 34.17 22.56 41.88
N LYS E 184 35.13 21.64 41.97
CA LYS E 184 36.53 22.00 41.89
C LYS E 184 36.84 22.70 40.57
N TYR E 185 36.36 22.15 39.45
CA TYR E 185 36.62 22.78 38.16
C TYR E 185 36.20 24.24 38.11
N VAL E 186 35.05 24.57 38.68
CA VAL E 186 34.53 25.94 38.70
C VAL E 186 35.40 26.91 39.49
N GLU E 187 35.76 26.51 40.70
CA GLU E 187 36.60 27.33 41.56
C GLU E 187 37.97 27.54 40.91
N GLU E 188 38.56 26.45 40.41
CA GLU E 188 39.87 26.49 39.76
C GLU E 188 39.93 27.40 38.52
N ASN E 189 39.10 27.09 37.53
CA ASN E 189 39.08 27.87 36.30
C ASN E 189 38.30 29.18 36.32
N GLY E 190 38.11 29.74 37.52
CA GLY E 190 37.42 31.01 37.70
C GLY E 190 35.95 31.18 37.36
N LEU E 191 35.23 30.09 37.06
CA LEU E 191 33.81 30.15 36.70
C LEU E 191 32.79 30.72 37.70
N TYR E 192 31.60 30.98 37.18
CA TYR E 192 30.44 31.50 37.90
C TYR E 192 30.67 32.50 39.04
N LYS F 7 31.04 27.93 69.66
CA LYS F 7 31.07 26.90 68.59
C LYS F 7 29.65 26.37 68.37
N LYS F 8 28.92 26.98 67.44
CA LYS F 8 27.54 26.59 67.12
C LYS F 8 27.49 25.23 66.43
N ILE F 9 26.85 24.27 67.09
CA ILE F 9 26.77 22.90 66.56
C ILE F 9 25.35 22.37 66.34
N GLY F 10 25.17 21.68 65.20
CA GLY F 10 23.88 21.12 64.85
C GLY F 10 23.86 19.60 64.95
N ILE F 11 23.22 19.08 65.99
CA ILE F 11 23.11 17.64 66.21
C ILE F 11 22.09 17.06 65.24
N PHE F 12 22.58 16.20 64.35
CA PHE F 12 21.77 15.57 63.33
C PHE F 12 21.68 14.06 63.54
N GLY F 13 20.96 13.66 64.57
CA GLY F 13 20.80 12.24 64.87
C GLY F 13 19.88 11.53 63.89
N GLY F 14 20.13 10.24 63.67
CA GLY F 14 19.32 9.45 62.76
C GLY F 14 19.86 8.05 62.79
N THR F 15 19.10 7.09 62.28
CA THR F 15 19.60 5.72 62.31
C THR F 15 20.40 5.45 61.06
N PHE F 16 20.27 6.31 60.07
CA PHE F 16 20.99 6.17 58.83
C PHE F 16 21.18 4.68 58.45
N ASP F 17 20.12 4.07 57.94
CA ASP F 17 20.17 2.68 57.54
C ASP F 17 19.55 2.38 56.18
N PRO F 18 20.24 2.75 55.07
CA PRO F 18 21.57 3.34 55.01
C PRO F 18 21.47 4.86 54.85
N PRO F 19 22.61 5.55 54.97
CA PRO F 19 22.62 7.01 54.83
C PRO F 19 22.48 7.27 53.35
N HIS F 20 22.09 8.48 52.98
CA HIS F 20 21.97 8.80 51.57
C HIS F 20 22.14 10.28 51.35
N ASN F 21 22.40 10.65 50.10
CA ASN F 21 22.60 12.04 49.74
C ASN F 21 21.50 12.93 50.31
N GLY F 22 20.31 12.37 50.51
CA GLY F 22 19.24 13.17 51.07
C GLY F 22 19.71 13.82 52.36
N HIS F 23 20.24 12.98 53.25
CA HIS F 23 20.75 13.45 54.53
C HIS F 23 21.81 14.51 54.25
N LEU F 24 22.82 14.08 53.49
CA LEU F 24 23.94 14.94 53.13
C LEU F 24 23.53 16.34 52.69
N LEU F 25 22.47 16.47 51.89
CA LEU F 25 22.05 17.80 51.48
C LEU F 25 21.52 18.47 52.72
N MET F 26 20.49 17.85 53.29
CA MET F 26 19.86 18.31 54.51
C MET F 26 20.86 18.98 55.43
N ALA F 27 21.91 18.25 55.75
CA ALA F 27 22.95 18.76 56.62
C ALA F 27 23.58 19.97 55.98
N ASN F 28 24.32 19.73 54.90
CA ASN F 28 25.03 20.79 54.18
C ASN F 28 24.20 22.04 53.93
N GLU F 29 22.89 21.94 53.95
CA GLU F 29 22.09 23.14 53.73
C GLU F 29 21.74 23.74 55.09
N VAL F 30 21.26 22.87 55.98
CA VAL F 30 20.88 23.26 57.34
C VAL F 30 21.96 24.08 58.04
N LEU F 31 23.22 23.68 57.85
CA LEU F 31 24.35 24.38 58.42
C LEU F 31 24.14 25.82 57.96
N TYR F 32 24.83 26.22 56.91
CA TYR F 32 24.74 27.55 56.31
C TYR F 32 23.49 28.39 56.61
N GLN F 33 22.30 27.91 56.24
CA GLN F 33 21.10 28.70 56.49
C GLN F 33 20.86 28.91 57.98
N ALA F 34 21.49 28.08 58.82
CA ALA F 34 21.37 28.19 60.27
C ALA F 34 22.67 28.70 60.89
N GLY F 35 23.61 29.11 60.05
CA GLY F 35 24.88 29.64 60.52
C GLY F 35 25.67 28.80 61.51
N LEU F 36 25.60 27.48 61.38
CA LEU F 36 26.32 26.58 62.27
C LEU F 36 27.79 26.45 61.88
N ASP F 37 28.58 25.90 62.78
CA ASP F 37 29.99 25.72 62.51
C ASP F 37 30.19 24.31 61.95
N GLU F 38 29.58 23.33 62.60
CA GLU F 38 29.67 21.95 62.14
C GLU F 38 28.38 21.20 62.40
N ILE F 39 28.17 20.12 61.66
CA ILE F 39 26.98 19.27 61.79
C ILE F 39 27.46 17.94 62.32
N TRP F 40 26.83 17.43 63.37
CA TRP F 40 27.27 16.14 63.91
C TRP F 40 26.27 15.05 63.57
N PHE F 41 26.73 14.04 62.84
CA PHE F 41 25.88 12.91 62.45
C PHE F 41 25.85 11.87 63.57
N MET F 42 24.78 11.90 64.37
CA MET F 42 24.61 11.02 65.52
C MET F 42 23.78 9.74 65.33
N PRO F 43 24.44 8.64 64.94
CA PRO F 43 23.78 7.35 64.72
C PRO F 43 23.20 6.80 66.03
N ASN F 44 22.02 6.19 65.93
CA ASN F 44 21.33 5.61 67.08
C ASN F 44 21.78 4.25 67.56
N GLN F 45 20.80 3.44 67.95
CA GLN F 45 21.05 2.11 68.45
C GLN F 45 20.02 1.10 67.96
N ILE F 46 19.01 0.86 68.80
CA ILE F 46 17.98 -0.10 68.46
C ILE F 46 16.66 0.61 68.18
N ASP F 57 22.58 -3.80 61.89
CA ASP F 57 23.39 -4.28 63.01
C ASP F 57 24.21 -3.17 63.66
N SER F 58 23.97 -1.94 63.21
CA SER F 58 24.64 -0.73 63.71
C SER F 58 26.08 -0.57 63.25
N PHE F 59 26.87 -1.63 63.25
CA PHE F 59 28.26 -1.52 62.81
C PHE F 59 28.31 -1.07 61.36
N HIS F 60 27.42 -1.62 60.54
CA HIS F 60 27.40 -1.28 59.12
C HIS F 60 26.86 0.12 58.89
N ARG F 61 25.98 0.56 59.79
CA ARG F 61 25.39 1.90 59.67
C ARG F 61 26.45 2.97 59.96
N VAL F 62 27.27 2.74 61.00
CA VAL F 62 28.33 3.69 61.36
C VAL F 62 29.40 3.65 60.27
N GLU F 63 29.61 2.48 59.68
CA GLU F 63 30.59 2.35 58.62
C GLU F 63 30.13 3.11 57.39
N MET F 64 28.91 2.83 56.96
CA MET F 64 28.34 3.50 55.80
C MET F 64 28.30 5.01 56.06
N LEU F 65 28.00 5.39 57.30
CA LEU F 65 27.93 6.81 57.66
C LEU F 65 29.28 7.53 57.53
N LYS F 66 30.37 6.87 57.95
CA LYS F 66 31.71 7.46 57.87
C LYS F 66 32.03 7.70 56.41
N LEU F 67 31.82 6.68 55.59
CA LEU F 67 32.07 6.76 54.16
C LEU F 67 31.35 7.96 53.55
N ALA F 68 30.08 8.11 53.90
CA ALA F 68 29.26 9.20 53.39
C ALA F 68 29.69 10.61 53.74
N ILE F 69 30.22 10.80 54.95
CA ILE F 69 30.61 12.15 55.33
C ILE F 69 32.11 12.45 55.33
N GLN F 70 32.95 11.45 55.06
CA GLN F 70 34.39 11.67 55.07
C GLN F 70 34.78 12.92 54.30
N SER F 71 34.36 13.00 53.04
CA SER F 71 34.65 14.13 52.16
C SER F 71 34.22 15.52 52.62
N ASN F 72 33.46 15.62 53.71
CA ASN F 72 33.03 16.95 54.17
C ASN F 72 33.75 17.43 55.44
N PRO F 73 34.49 18.55 55.32
CA PRO F 73 35.24 19.16 56.42
C PRO F 73 34.40 19.47 57.66
N SER F 74 33.07 19.52 57.48
CA SER F 74 32.16 19.78 58.59
C SER F 74 31.34 18.51 58.87
N PHE F 75 31.96 17.34 58.63
CA PHE F 75 31.29 16.06 58.83
C PHE F 75 31.09 15.69 60.31
N LYS F 76 32.11 15.12 60.93
CA LYS F 76 32.04 14.76 62.34
C LYS F 76 30.97 13.73 62.68
N LEU F 77 31.40 12.50 62.96
CA LEU F 77 30.44 11.47 63.36
C LEU F 77 30.03 11.92 64.75
N GLU F 78 29.64 10.97 65.59
CA GLU F 78 29.23 11.22 66.97
C GLU F 78 28.59 9.96 67.48
N LEU F 79 29.39 9.10 68.09
CA LEU F 79 28.91 7.83 68.57
C LEU F 79 28.55 7.85 70.05
N VAL F 80 28.26 9.04 70.57
CA VAL F 80 27.90 9.18 71.98
C VAL F 80 26.71 8.30 72.32
N GLU F 81 25.87 8.07 71.34
CA GLU F 81 24.69 7.26 71.55
C GLU F 81 24.99 5.77 71.52
N MET F 82 26.14 5.42 71.00
CA MET F 82 26.50 4.02 70.86
C MET F 82 27.09 3.38 72.10
N GLU F 83 27.81 4.15 72.91
CA GLU F 83 28.41 3.65 74.14
C GLU F 83 27.46 2.69 74.90
N ARG F 84 26.54 3.34 75.59
CA ARG F 84 25.47 2.81 76.44
C ARG F 84 24.75 1.49 76.11
N GLU F 85 23.97 1.47 75.03
CA GLU F 85 23.20 0.29 74.64
C GLU F 85 22.01 -0.07 75.54
N GLY F 86 20.85 0.15 74.92
CA GLY F 86 19.54 -0.09 75.48
C GLY F 86 18.97 0.77 74.36
N PRO F 87 18.34 1.90 74.68
CA PRO F 87 17.86 2.67 73.53
C PRO F 87 18.81 3.86 73.63
N SER F 88 18.25 4.98 74.05
CA SER F 88 18.94 6.23 74.27
C SER F 88 18.07 7.31 73.68
N TYR F 89 17.07 7.68 74.45
CA TYR F 89 16.16 8.73 74.06
C TYR F 89 17.07 9.87 73.67
N THR F 90 16.56 10.84 72.93
CA THR F 90 17.39 11.99 72.56
C THR F 90 17.78 12.46 73.95
N PHE F 91 17.17 13.54 74.41
CA PHE F 91 17.37 14.06 75.74
C PHE F 91 18.53 13.46 76.57
N ASP F 92 18.48 12.15 76.83
CA ASP F 92 19.52 11.46 77.58
C ASP F 92 20.91 11.81 77.05
N THR F 93 21.08 11.69 75.74
CA THR F 93 22.34 11.99 75.10
C THR F 93 22.61 13.49 75.20
N VAL F 94 21.67 14.28 74.71
CA VAL F 94 21.81 15.74 74.74
C VAL F 94 22.12 16.19 76.15
N SER F 95 21.57 15.49 77.14
CA SER F 95 21.81 15.82 78.53
C SER F 95 23.30 15.67 78.82
N LEU F 96 23.83 14.51 78.48
CA LEU F 96 25.24 14.21 78.68
C LEU F 96 26.11 15.16 77.87
N LEU F 97 25.68 15.48 76.66
CA LEU F 97 26.42 16.38 75.79
C LEU F 97 26.33 17.81 76.31
N LYS F 98 25.13 18.26 76.64
CA LYS F 98 24.96 19.61 77.17
C LYS F 98 25.84 19.69 78.41
N GLN F 99 26.27 18.51 78.87
CA GLN F 99 27.13 18.41 80.03
C GLN F 99 28.56 18.27 79.51
N ARG F 100 28.73 17.56 78.39
CA ARG F 100 30.05 17.36 77.79
C ARG F 100 30.55 18.58 77.03
N TYR F 101 29.63 19.42 76.55
CA TYR F 101 29.99 20.63 75.82
C TYR F 101 29.10 21.76 76.32
N PRO F 102 29.43 22.29 77.51
CA PRO F 102 28.68 23.38 78.16
C PRO F 102 28.93 24.75 77.56
N ASN F 103 29.96 24.86 76.72
CA ASN F 103 30.28 26.14 76.11
C ASN F 103 30.00 26.17 74.62
N ASP F 104 29.35 25.14 74.12
CA ASP F 104 29.01 25.06 72.70
C ASP F 104 27.51 25.26 72.58
N GLN F 105 27.10 25.93 71.51
CA GLN F 105 25.69 26.22 71.22
C GLN F 105 25.17 25.02 70.44
N LEU F 106 24.19 24.31 71.00
CA LEU F 106 23.68 23.13 70.32
C LEU F 106 22.28 23.30 69.72
N PHE F 107 22.07 22.64 68.58
CA PHE F 107 20.79 22.68 67.89
C PHE F 107 20.49 21.28 67.37
N PHE F 108 19.25 20.83 67.52
CA PHE F 108 18.90 19.52 67.01
C PHE F 108 18.26 19.72 65.64
N ILE F 109 18.43 18.74 64.77
CA ILE F 109 17.88 18.83 63.42
C ILE F 109 17.01 17.65 63.04
N ILE F 110 15.84 17.98 62.49
CA ILE F 110 14.86 17.00 62.07
C ILE F 110 14.20 17.53 60.80
N GLY F 111 13.72 16.64 59.95
CA GLY F 111 13.05 17.07 58.74
C GLY F 111 11.55 16.96 58.92
N ALA F 112 10.80 17.44 57.94
CA ALA F 112 9.34 17.38 57.99
C ALA F 112 8.84 16.08 58.62
N ASP F 113 9.32 14.95 58.08
CA ASP F 113 8.97 13.62 58.54
C ASP F 113 8.85 13.55 60.07
N MET F 114 9.98 13.73 60.76
CA MET F 114 10.02 13.70 62.22
C MET F 114 9.20 14.79 62.91
N ILE F 115 9.09 15.95 62.26
CA ILE F 115 8.34 17.06 62.83
C ILE F 115 6.92 16.59 63.11
N GLU F 116 6.44 15.70 62.25
CA GLU F 116 5.11 15.13 62.35
C GLU F 116 4.94 14.20 63.55
N TYR F 117 6.04 13.60 64.00
CA TYR F 117 5.99 12.66 65.12
C TYR F 117 5.91 13.29 66.52
N LEU F 118 6.99 13.95 66.93
CA LEU F 118 7.15 14.60 68.22
C LEU F 118 6.36 14.07 69.48
N PRO F 119 6.01 14.95 70.46
CA PRO F 119 5.33 14.93 71.79
C PRO F 119 5.29 13.67 72.68
N LYS F 120 5.02 12.50 72.09
CA LYS F 120 5.00 11.24 72.83
C LYS F 120 6.49 10.95 73.09
N TRP F 121 7.30 11.91 72.67
CA TRP F 121 8.75 11.92 72.71
C TRP F 121 9.47 11.75 74.05
N TYR F 122 8.95 10.88 74.91
CA TYR F 122 9.59 10.62 76.21
C TYR F 122 10.39 11.85 76.64
N LYS F 123 9.70 12.74 77.34
CA LYS F 123 10.23 14.01 77.81
C LYS F 123 10.33 14.94 76.61
N LEU F 124 10.14 16.23 76.89
CA LEU F 124 10.18 17.26 75.87
C LEU F 124 10.35 18.50 76.70
N ASP F 125 9.22 18.98 77.24
CA ASP F 125 9.19 20.17 78.08
C ASP F 125 10.59 20.47 78.60
N GLU F 126 11.23 19.44 79.14
CA GLU F 126 12.58 19.58 79.68
C GLU F 126 13.58 19.80 78.56
N LEU F 127 13.76 18.79 77.71
CA LEU F 127 14.71 18.87 76.60
C LEU F 127 14.72 20.21 75.87
N LEU F 128 13.53 20.77 75.63
CA LEU F 128 13.41 22.05 74.94
C LEU F 128 14.09 23.16 75.73
N ASN F 129 14.08 23.02 77.05
CA ASN F 129 14.70 23.99 77.95
C ASN F 129 16.21 23.77 77.91
N LEU F 130 16.63 22.86 77.04
CA LEU F 130 18.02 22.50 76.90
C LEU F 130 18.54 22.74 75.49
N ILE F 131 17.74 22.33 74.49
CA ILE F 131 18.15 22.48 73.10
C ILE F 131 17.06 23.09 72.24
N GLN F 132 17.42 23.43 71.00
CA GLN F 132 16.49 24.01 70.04
C GLN F 132 16.41 23.14 68.79
N PHE F 133 15.22 23.01 68.23
CA PHE F 133 15.03 22.20 67.04
C PHE F 133 14.97 23.01 65.77
N ILE F 134 15.50 22.43 64.70
CA ILE F 134 15.50 23.08 63.40
C ILE F 134 14.81 22.12 62.43
N GLY F 135 13.78 22.62 61.75
CA GLY F 135 13.03 21.81 60.80
C GLY F 135 13.38 22.17 59.37
N VAL F 136 13.38 21.18 58.48
CA VAL F 136 13.72 21.41 57.08
C VAL F 136 12.51 21.26 56.18
N VAL F 143 5.22 19.84 57.33
CA VAL F 143 5.44 20.56 58.58
C VAL F 143 4.22 21.37 58.98
N GLU F 144 4.06 21.58 60.29
CA GLU F 144 2.93 22.34 60.83
C GLU F 144 3.01 22.51 62.36
N THR F 145 3.63 21.52 63.02
CA THR F 145 3.81 21.46 64.48
C THR F 145 3.44 22.64 65.40
N PRO F 146 2.86 22.33 66.57
CA PRO F 146 2.44 23.30 67.59
C PRO F 146 3.56 23.54 68.62
N TYR F 147 4.77 23.13 68.27
CA TYR F 147 5.94 23.25 69.14
C TYR F 147 6.94 24.29 68.62
N PRO F 148 7.73 24.89 69.53
CA PRO F 148 8.75 25.89 69.19
C PRO F 148 9.83 25.22 68.35
N LEU F 149 9.87 25.55 67.06
CA LEU F 149 10.83 24.94 66.14
C LEU F 149 11.25 25.98 65.11
N LEU F 150 12.56 26.12 64.89
CA LEU F 150 13.03 27.09 63.91
C LEU F 150 13.12 26.41 62.56
N PHE F 151 13.02 27.17 61.49
CA PHE F 151 13.08 26.57 60.17
C PHE F 151 14.25 27.03 59.31
N ALA F 152 14.62 26.17 58.37
CA ALA F 152 15.71 26.46 57.47
C ALA F 152 15.28 25.99 56.07
N ASP F 153 15.20 26.94 55.14
CA ASP F 153 14.81 26.59 53.77
C ASP F 153 15.80 25.62 53.18
N VAL F 154 15.27 24.47 52.79
CA VAL F 154 16.12 23.42 52.20
C VAL F 154 15.15 22.63 51.22
N PRO F 155 15.69 22.05 50.17
CA PRO F 155 15.67 21.39 48.85
C PRO F 155 14.40 20.52 48.79
N GLU F 156 14.06 20.10 47.60
CA GLU F 156 12.95 19.18 47.47
C GLU F 156 13.54 18.02 46.71
N PHE F 157 14.17 17.16 47.48
CA PHE F 157 14.78 15.96 46.97
C PHE F 157 13.73 14.93 47.39
N GLU F 158 13.76 13.76 46.77
CA GLU F 158 12.82 12.71 47.08
C GLU F 158 13.55 11.40 47.32
N VAL F 159 14.15 11.28 48.49
CA VAL F 159 14.86 10.07 48.80
C VAL F 159 14.81 9.73 50.27
N SER F 160 14.57 8.46 50.56
CA SER F 160 14.53 7.98 51.92
C SER F 160 15.26 6.66 51.83
N SER F 161 15.83 6.20 52.94
CA SER F 161 16.57 4.96 52.91
C SER F 161 15.66 3.80 52.50
N THR F 162 14.46 3.76 53.07
CA THR F 162 13.51 2.69 52.76
C THR F 162 13.27 2.56 51.27
N MET F 163 13.65 3.59 50.52
CA MET F 163 13.53 3.56 49.06
C MET F 163 14.65 2.65 48.60
N ILE F 164 15.88 3.06 48.94
CA ILE F 164 17.09 2.35 48.61
C ILE F 164 16.97 0.87 49.00
N ARG F 165 16.68 0.59 50.26
CA ARG F 165 16.55 -0.79 50.73
C ARG F 165 15.75 -1.65 49.78
N GLU F 166 14.65 -1.09 49.27
CA GLU F 166 13.83 -1.83 48.34
C GLU F 166 14.53 -1.76 47.00
N ARG F 167 15.07 -0.59 46.69
CA ARG F 167 15.81 -0.41 45.46
C ARG F 167 16.82 -1.54 45.43
N PHE F 168 17.68 -1.54 46.45
CA PHE F 168 18.75 -2.53 46.63
C PHE F 168 18.24 -3.95 46.83
N LYS F 169 16.99 -4.20 46.45
CA LYS F 169 16.38 -5.52 46.60
C LYS F 169 15.18 -5.46 45.67
N SER F 170 15.44 -5.81 44.42
CA SER F 170 14.48 -5.78 43.34
C SER F 170 15.37 -5.09 42.35
N LYS F 171 16.64 -5.04 42.74
CA LYS F 171 17.72 -4.45 41.99
C LYS F 171 17.39 -3.31 41.06
N LYS F 172 17.11 -2.14 41.63
CA LYS F 172 16.84 -0.96 40.82
C LYS F 172 18.10 -0.10 40.94
N PRO F 173 18.26 0.93 40.10
CA PRO F 173 19.37 1.88 40.01
C PRO F 173 20.23 2.24 41.24
N THR F 174 19.68 2.96 42.20
CA THR F 174 20.37 3.41 43.43
C THR F 174 21.55 4.39 43.27
N ASP F 175 21.95 4.64 42.03
CA ASP F 175 23.04 5.57 41.77
C ASP F 175 22.53 6.99 41.95
N TYR F 176 23.41 7.88 42.38
CA TYR F 176 23.02 9.27 42.58
C TYR F 176 22.01 9.48 43.70
N LEU F 177 21.71 8.41 44.44
CA LEU F 177 20.80 8.51 45.56
C LEU F 177 21.66 8.43 46.81
N ILE F 178 22.67 7.57 46.75
CA ILE F 178 23.61 7.35 47.84
C ILE F 178 25.01 7.49 47.25
N PRO F 179 26.01 7.88 48.06
CA PRO F 179 27.36 8.02 47.53
C PRO F 179 27.75 6.71 46.88
N ASP F 180 28.68 6.76 45.93
CA ASP F 180 29.11 5.54 45.24
C ASP F 180 29.87 4.66 46.24
N LYS F 181 30.32 5.28 47.33
CA LYS F 181 31.06 4.59 48.37
C LYS F 181 30.11 3.76 49.25
N VAL F 182 28.94 4.33 49.54
CA VAL F 182 27.94 3.65 50.35
C VAL F 182 27.39 2.44 49.60
N LYS F 183 27.24 2.58 48.29
CA LYS F 183 26.73 1.50 47.46
C LYS F 183 27.66 0.31 47.56
N LYS F 184 28.91 0.54 47.21
CA LYS F 184 29.91 -0.49 47.24
C LYS F 184 29.89 -1.24 48.57
N TYR F 185 29.95 -0.51 49.69
CA TYR F 185 29.93 -1.14 51.03
C TYR F 185 28.77 -2.12 51.21
N VAL F 186 27.58 -1.74 50.77
CA VAL F 186 26.43 -2.62 50.91
C VAL F 186 26.62 -3.86 50.08
N GLU F 187 27.01 -3.67 48.83
CA GLU F 187 27.23 -4.77 47.91
C GLU F 187 28.29 -5.73 48.44
N GLU F 188 29.38 -5.18 48.96
CA GLU F 188 30.47 -5.99 49.48
C GLU F 188 30.13 -6.76 50.75
N ASN F 189 29.72 -6.03 51.78
CA ASN F 189 29.39 -6.61 53.07
C ASN F 189 27.97 -7.16 53.18
#